data_7VVV
#
_entry.id   7VVV
#
_cell.length_a   66.734
_cell.length_b   131.277
_cell.length_c   134.465
_cell.angle_alpha   90.000
_cell.angle_beta   90.000
_cell.angle_gamma   90.000
#
_symmetry.space_group_name_H-M   'P 21 21 21'
#
loop_
_entity.id
_entity.type
_entity.pdbx_description
1 polymer 'SAM-dependent methyltransferase'
2 non-polymer 'PHOSPHATE ION'
3 water water
#
_entity_poly.entity_id   1
_entity_poly.type   'polypeptide(L)'
_entity_poly.pdbx_seq_one_letter_code
;MGDSEEPVVTPHAPEFAFDPTDPWTETFQRGLEIAGLGGKRVYEVGIGTGINVAFMLQICEAALVSGSDLDPRLAGLAER
NVRDLAPRRADRFHPVEGAVSLIDTPEARAQVGRSDVIVGCLPQVGEPDDVRLRAFRTAQAAALAAGADTRDEDHIAHYY
PWAEFDSYPFNSVGLGLNEALLRRTRATAPAADVVLNFGARVGSAVLFELFEANGYVPEKLHSQIVLQHAGTDISFFVAL
ENALAQTGLEREFTCEFYGDPEGATRLSATEAQALVDTDSAAEIYHEVCVIRGRPALSENDPSDS
;
_entity_poly.pdbx_strand_id   A,B,C
#
# COMPACT_ATOMS: atom_id res chain seq x y z
N ALA A 17 1.47 2.77 -40.30
CA ALA A 17 0.86 3.73 -39.40
C ALA A 17 -0.20 3.14 -38.49
N PHE A 18 -0.71 3.94 -37.57
CA PHE A 18 -1.73 3.48 -36.61
C PHE A 18 -3.05 3.02 -37.13
N ASP A 19 -3.64 2.11 -36.40
CA ASP A 19 -4.90 1.57 -36.73
C ASP A 19 -5.82 2.42 -35.98
N PRO A 20 -6.86 2.91 -36.72
CA PRO A 20 -7.75 3.80 -36.00
C PRO A 20 -8.89 3.04 -35.51
N THR A 21 -8.76 1.73 -35.35
CA THR A 21 -9.97 1.09 -34.89
C THR A 21 -9.80 0.80 -33.44
N ASP A 22 -8.56 0.86 -32.98
CA ASP A 22 -8.12 0.59 -31.66
C ASP A 22 -7.45 1.84 -31.17
N PRO A 23 -8.23 2.77 -30.64
CA PRO A 23 -7.58 3.99 -30.17
C PRO A 23 -6.77 3.86 -28.90
N TRP A 24 -7.03 2.89 -28.06
CA TRP A 24 -6.25 2.75 -26.87
C TRP A 24 -4.86 2.35 -27.29
N THR A 25 -4.72 1.53 -28.32
CA THR A 25 -3.40 1.08 -28.74
C THR A 25 -2.67 2.17 -29.49
N GLU A 26 -3.39 2.96 -30.29
CA GLU A 26 -2.77 4.13 -30.87
C GLU A 26 -2.20 5.04 -29.79
N THR A 27 -2.99 5.32 -28.80
CA THR A 27 -2.58 6.12 -27.71
C THR A 27 -1.37 5.52 -27.08
N PHE A 28 -1.39 4.25 -26.81
CA PHE A 28 -0.26 3.59 -26.22
C PHE A 28 1.00 3.78 -27.03
N GLN A 29 0.92 3.54 -28.31
CA GLN A 29 2.06 3.65 -29.14
C GLN A 29 2.58 5.00 -29.33
N ARG A 30 1.71 5.96 -29.39
CA ARG A 30 2.13 7.31 -29.57
C ARG A 30 2.87 7.67 -28.32
N GLY A 31 2.40 7.23 -27.17
CA GLY A 31 3.05 7.51 -25.90
C GLY A 31 4.44 6.91 -25.80
N LEU A 32 4.61 5.73 -26.33
CA LEU A 32 5.88 5.07 -26.28
C LEU A 32 6.91 5.72 -27.09
N GLU A 33 6.52 6.38 -28.16
CA GLU A 33 7.45 7.05 -28.99
C GLU A 33 8.02 8.20 -28.21
N ILE A 34 7.16 8.97 -27.60
CA ILE A 34 7.55 10.10 -26.82
C ILE A 34 8.39 9.71 -25.64
N ALA A 35 8.23 8.50 -25.17
CA ALA A 35 8.94 8.04 -23.97
C ALA A 35 10.44 8.26 -24.06
N GLY A 36 11.02 8.01 -25.23
CA GLY A 36 12.47 8.07 -25.34
C GLY A 36 13.12 6.72 -25.15
N LEU A 37 12.63 5.72 -25.89
CA LEU A 37 13.09 4.35 -25.81
C LEU A 37 14.25 4.07 -26.75
N GLY A 38 14.78 5.08 -27.42
CA GLY A 38 15.90 4.89 -28.31
C GLY A 38 17.06 4.20 -27.63
N GLY A 39 17.46 3.06 -28.10
CA GLY A 39 18.56 2.35 -27.48
C GLY A 39 18.46 1.97 -26.05
N LYS A 40 17.36 1.37 -25.65
CA LYS A 40 17.20 0.99 -24.28
C LYS A 40 16.75 -0.42 -24.21
N ARG A 41 16.73 -0.95 -23.01
CA ARG A 41 16.29 -2.27 -22.79
C ARG A 41 14.91 -2.17 -22.22
N VAL A 42 13.92 -2.72 -22.90
CA VAL A 42 12.57 -2.63 -22.46
C VAL A 42 11.84 -3.92 -22.26
N TYR A 43 11.03 -4.00 -21.24
CA TYR A 43 10.20 -5.17 -20.96
C TYR A 43 8.75 -4.75 -21.14
N GLU A 44 7.95 -5.56 -21.84
CA GLU A 44 6.52 -5.30 -21.94
C GLU A 44 5.76 -6.38 -21.18
N VAL A 45 4.87 -5.95 -20.31
CA VAL A 45 3.99 -6.86 -19.58
C VAL A 45 2.73 -7.05 -20.43
N GLY A 46 2.49 -8.28 -20.88
CA GLY A 46 1.40 -8.57 -21.80
C GLY A 46 1.75 -8.31 -23.26
N ILE A 47 2.72 -9.06 -23.80
CA ILE A 47 3.19 -8.82 -25.16
C ILE A 47 2.13 -9.16 -26.23
N GLY A 48 1.13 -9.96 -25.89
CA GLY A 48 0.10 -10.26 -26.88
C GLY A 48 0.67 -11.02 -28.07
N THR A 49 0.42 -10.48 -29.27
CA THR A 49 0.99 -11.02 -30.50
C THR A 49 2.26 -10.30 -30.92
N GLY A 50 2.75 -9.35 -30.13
CA GLY A 50 3.98 -8.66 -30.46
C GLY A 50 3.82 -7.42 -31.31
N ILE A 51 2.59 -6.92 -31.46
CA ILE A 51 2.38 -5.68 -32.20
C ILE A 51 3.15 -4.55 -31.54
N ASN A 52 3.06 -4.43 -30.21
CA ASN A 52 3.80 -3.39 -29.51
C ASN A 52 5.30 -3.68 -29.50
N VAL A 53 5.70 -4.95 -29.45
CA VAL A 53 7.13 -5.26 -29.49
C VAL A 53 7.74 -4.77 -30.81
N ALA A 54 7.07 -5.09 -31.92
CA ALA A 54 7.58 -4.67 -33.23
C ALA A 54 7.59 -3.16 -33.36
N PHE A 55 6.59 -2.49 -32.77
CA PHE A 55 6.54 -1.03 -32.85
C PHE A 55 7.77 -0.39 -32.20
N MET A 56 8.06 -0.80 -31.00
CA MET A 56 9.17 -0.25 -30.31
C MET A 56 10.45 -0.56 -30.98
N LEU A 57 10.55 -1.71 -31.63
CA LEU A 57 11.75 -2.08 -32.31
C LEU A 57 11.91 -1.33 -33.55
N GLN A 58 10.83 -1.16 -34.31
CA GLN A 58 10.89 -0.48 -35.59
C GLN A 58 10.85 1.05 -35.53
N ILE A 59 9.94 1.59 -34.72
CA ILE A 59 9.81 3.03 -34.62
C ILE A 59 10.58 3.68 -33.52
N CYS A 60 10.64 3.04 -32.38
CA CYS A 60 11.32 3.61 -31.26
C CYS A 60 12.77 3.31 -31.17
N GLU A 61 13.26 2.42 -32.00
CA GLU A 61 14.66 2.11 -32.01
C GLU A 61 15.24 1.66 -30.70
N ALA A 62 14.59 0.72 -30.10
CA ALA A 62 15.05 0.11 -28.86
C ALA A 62 16.16 -0.87 -29.15
N ALA A 63 17.12 -0.96 -28.22
CA ALA A 63 18.25 -1.87 -28.41
C ALA A 63 17.87 -3.32 -28.16
N LEU A 64 16.94 -3.56 -27.25
CA LEU A 64 16.54 -4.90 -26.90
C LEU A 64 15.12 -4.81 -26.34
N VAL A 65 14.26 -5.75 -26.73
CA VAL A 65 12.93 -5.81 -26.16
C VAL A 65 12.69 -7.23 -25.67
N SER A 66 12.22 -7.36 -24.44
CA SER A 66 11.76 -8.65 -23.94
C SER A 66 10.35 -8.46 -23.37
N GLY A 67 9.77 -9.53 -22.86
CA GLY A 67 8.46 -9.42 -22.25
C GLY A 67 7.79 -10.78 -22.18
N SER A 68 6.58 -10.76 -21.65
CA SER A 68 5.86 -12.02 -21.49
C SER A 68 4.36 -11.78 -21.54
N ASP A 69 3.63 -12.88 -21.52
CA ASP A 69 2.18 -12.85 -21.49
C ASP A 69 1.72 -13.99 -20.60
N LEU A 70 0.50 -13.88 -20.09
CA LEU A 70 -0.01 -14.92 -19.20
C LEU A 70 -0.54 -16.12 -19.99
N ASP A 71 -0.92 -15.91 -21.27
CA ASP A 71 -1.18 -17.01 -22.19
C ASP A 71 0.14 -17.58 -22.64
N PRO A 72 0.47 -18.82 -22.27
CA PRO A 72 1.76 -19.39 -22.64
C PRO A 72 1.88 -19.67 -24.13
N ARG A 73 0.76 -19.80 -24.83
CA ARG A 73 0.78 -20.05 -26.26
C ARG A 73 1.17 -18.81 -27.06
N LEU A 74 1.31 -17.65 -26.42
CA LEU A 74 1.42 -16.39 -27.14
C LEU A 74 2.86 -16.03 -27.52
N ALA A 75 3.82 -16.35 -26.70
CA ALA A 75 5.18 -15.99 -27.00
C ALA A 75 5.61 -16.56 -28.33
N GLY A 76 5.29 -17.81 -28.56
CA GLY A 76 5.63 -18.45 -29.80
C GLY A 76 5.07 -17.71 -30.97
N LEU A 77 3.82 -17.34 -30.86
CA LEU A 77 3.15 -16.61 -31.92
C LEU A 77 3.76 -15.28 -32.13
N ALA A 78 4.06 -14.62 -31.04
CA ALA A 78 4.60 -13.29 -31.13
C ALA A 78 5.90 -13.28 -31.85
N GLU A 79 6.74 -14.19 -31.43
CA GLU A 79 8.07 -14.33 -32.00
C GLU A 79 7.97 -14.34 -33.47
N ARG A 80 7.13 -15.23 -33.94
CA ARG A 80 6.85 -15.43 -35.33
C ARG A 80 6.43 -14.11 -35.87
N ASN A 81 5.37 -13.61 -35.29
CA ASN A 81 4.86 -12.34 -35.70
C ASN A 81 5.92 -11.28 -35.86
N VAL A 82 6.66 -10.98 -34.82
CA VAL A 82 7.67 -9.93 -34.90
C VAL A 82 8.67 -10.20 -36.02
N ARG A 83 8.91 -11.46 -36.32
CA ARG A 83 9.82 -11.78 -37.37
C ARG A 83 9.34 -11.19 -38.67
N ASP A 84 8.07 -11.40 -38.93
CA ASP A 84 7.44 -10.92 -40.15
C ASP A 84 7.27 -9.45 -40.21
N LEU A 85 7.09 -8.85 -39.04
CA LEU A 85 6.86 -7.40 -38.95
C LEU A 85 8.14 -6.57 -38.98
N ALA A 86 9.19 -7.06 -38.35
CA ALA A 86 10.43 -6.31 -38.31
C ALA A 86 11.50 -7.34 -38.33
N PRO A 87 11.78 -7.78 -39.59
CA PRO A 87 12.77 -8.86 -39.66
C PRO A 87 14.16 -8.33 -39.51
N ARG A 88 14.31 -7.07 -39.87
CA ARG A 88 15.57 -6.42 -39.77
C ARG A 88 15.92 -6.02 -38.36
N ARG A 89 15.05 -6.30 -37.39
CA ARG A 89 15.31 -6.03 -35.98
C ARG A 89 14.74 -7.08 -35.04
N ALA A 90 14.10 -8.14 -35.54
CA ALA A 90 13.46 -9.13 -34.68
C ALA A 90 14.45 -9.96 -33.90
N ASP A 91 15.74 -9.84 -34.20
CA ASP A 91 16.78 -10.54 -33.44
C ASP A 91 17.03 -9.90 -32.08
N ARG A 92 16.53 -8.67 -31.87
CA ARG A 92 16.59 -7.99 -30.60
C ARG A 92 15.33 -8.19 -29.76
N PHE A 93 14.43 -9.08 -30.18
CA PHE A 93 13.25 -9.43 -29.40
C PHE A 93 13.50 -10.77 -28.73
N HIS A 94 13.39 -10.80 -27.42
CA HIS A 94 13.80 -11.93 -26.59
C HIS A 94 12.68 -12.28 -25.60
N PRO A 95 11.58 -12.76 -26.06
CA PRO A 95 10.47 -13.07 -25.16
C PRO A 95 10.83 -13.99 -24.06
N VAL A 96 9.97 -14.17 -23.10
CA VAL A 96 10.20 -15.04 -21.99
C VAL A 96 9.04 -15.99 -22.04
N GLU A 97 9.29 -17.28 -22.02
CA GLU A 97 8.24 -18.28 -22.11
C GLU A 97 7.51 -18.66 -20.86
N GLY A 98 6.32 -19.18 -21.02
CA GLY A 98 5.54 -19.60 -19.91
C GLY A 98 4.32 -18.78 -19.66
N ALA A 99 3.53 -19.19 -18.71
CA ALA A 99 2.35 -18.48 -18.35
C ALA A 99 2.84 -17.53 -17.30
N VAL A 100 3.09 -16.31 -17.71
CA VAL A 100 3.71 -15.31 -16.84
C VAL A 100 2.64 -14.33 -16.40
N SER A 101 2.21 -14.47 -15.15
CA SER A 101 1.31 -13.49 -14.55
C SER A 101 2.15 -12.30 -14.04
N LEU A 102 1.91 -11.12 -14.64
CA LEU A 102 2.70 -9.92 -14.38
C LEU A 102 4.16 -10.25 -14.71
N ILE A 103 5.03 -10.26 -13.75
CA ILE A 103 6.40 -10.65 -14.01
C ILE A 103 6.84 -11.75 -13.07
N ASP A 104 5.86 -12.55 -12.66
CA ASP A 104 6.02 -13.65 -11.69
C ASP A 104 6.82 -14.93 -12.02
N THR A 105 8.01 -14.80 -12.59
CA THR A 105 8.83 -15.96 -12.84
C THR A 105 10.26 -15.54 -12.80
N PRO A 106 11.08 -16.37 -12.22
CA PRO A 106 12.48 -16.06 -12.10
C PRO A 106 13.04 -15.50 -13.33
N GLU A 107 12.73 -16.07 -14.46
CA GLU A 107 13.27 -15.60 -15.69
C GLU A 107 12.69 -14.27 -16.07
N ALA A 108 11.45 -14.04 -15.73
CA ALA A 108 10.83 -12.80 -16.03
C ALA A 108 11.43 -11.72 -15.20
N ARG A 109 11.64 -11.99 -13.93
CA ARG A 109 12.21 -11.01 -13.03
C ARG A 109 13.62 -10.69 -13.42
N ALA A 110 14.33 -11.68 -13.83
CA ALA A 110 15.67 -11.52 -14.27
C ALA A 110 15.74 -10.52 -15.39
N GLN A 111 14.89 -10.64 -16.39
CA GLN A 111 14.90 -9.71 -17.47
C GLN A 111 14.43 -8.34 -17.04
N VAL A 112 13.41 -8.28 -16.22
CA VAL A 112 12.94 -6.98 -15.74
C VAL A 112 14.05 -6.26 -15.00
N GLY A 113 14.80 -6.98 -14.15
CA GLY A 113 15.89 -6.35 -13.41
C GLY A 113 16.97 -5.77 -14.32
N ARG A 114 17.10 -6.27 -15.54
CA ARG A 114 18.07 -5.75 -16.49
C ARG A 114 17.52 -4.66 -17.38
N SER A 115 16.23 -4.36 -17.28
CA SER A 115 15.58 -3.44 -18.20
C SER A 115 15.69 -2.00 -17.67
N ASP A 116 15.76 -1.05 -18.61
CA ASP A 116 15.67 0.37 -18.26
C ASP A 116 14.22 0.83 -18.12
N VAL A 117 13.29 0.21 -18.86
CA VAL A 117 11.91 0.67 -18.97
C VAL A 117 10.98 -0.53 -19.01
N ILE A 118 9.89 -0.46 -18.24
CA ILE A 118 8.85 -1.48 -18.24
C ILE A 118 7.57 -0.83 -18.75
N VAL A 119 6.96 -1.42 -19.77
CA VAL A 119 5.79 -0.83 -20.42
C VAL A 119 4.64 -1.83 -20.39
N GLY A 120 3.43 -1.30 -20.33
CA GLY A 120 2.25 -2.15 -20.32
C GLY A 120 0.98 -1.37 -20.62
N CYS A 121 0.04 -2.05 -21.28
CA CYS A 121 -1.36 -1.67 -21.28
C CYS A 121 -2.07 -2.81 -20.56
N LEU A 122 -2.34 -2.62 -19.27
CA LEU A 122 -2.81 -3.75 -18.47
C LEU A 122 -4.33 -3.74 -18.31
N PRO A 123 -4.94 -4.89 -18.06
CA PRO A 123 -6.37 -4.92 -17.71
C PRO A 123 -6.66 -3.94 -16.58
N GLN A 124 -7.88 -3.40 -16.60
CA GLN A 124 -8.33 -2.34 -15.72
C GLN A 124 -9.80 -2.09 -16.02
N VAL A 125 -10.60 -1.88 -14.96
CA VAL A 125 -11.98 -1.46 -15.13
C VAL A 125 -12.05 -0.24 -16.05
N GLY A 126 -12.87 -0.34 -17.10
CA GLY A 126 -12.99 0.70 -18.10
C GLY A 126 -12.22 0.45 -19.38
N GLU A 127 -11.42 -0.60 -19.43
CA GLU A 127 -10.87 -1.07 -20.70
C GLU A 127 -12.03 -1.34 -21.67
N PRO A 128 -11.78 -1.28 -22.97
CA PRO A 128 -12.89 -1.50 -23.92
C PRO A 128 -13.52 -2.87 -23.72
N ASP A 129 -14.85 -2.91 -23.75
CA ASP A 129 -15.60 -4.14 -23.48
C ASP A 129 -15.22 -5.25 -24.45
N ASP A 130 -14.77 -4.90 -25.65
CA ASP A 130 -14.43 -5.86 -26.70
C ASP A 130 -12.96 -6.23 -26.71
N VAL A 131 -12.26 -5.98 -25.61
CA VAL A 131 -10.81 -6.16 -25.62
C VAL A 131 -10.46 -7.64 -25.69
N ARG A 132 -11.26 -8.50 -25.05
CA ARG A 132 -10.94 -9.92 -25.08
C ARG A 132 -11.36 -10.55 -26.40
N LEU A 133 -12.37 -10.00 -27.07
CA LEU A 133 -12.72 -10.46 -28.41
C LEU A 133 -11.66 -10.07 -29.42
N ARG A 134 -11.14 -8.84 -29.32
CA ARG A 134 -10.08 -8.41 -30.22
C ARG A 134 -8.84 -9.27 -30.07
N ALA A 135 -8.49 -9.65 -28.83
CA ALA A 135 -7.30 -10.47 -28.63
C ALA A 135 -7.46 -11.86 -29.22
N PHE A 136 -8.66 -12.45 -29.07
CA PHE A 136 -8.94 -13.75 -29.67
C PHE A 136 -8.85 -13.70 -31.18
N ARG A 137 -9.42 -12.66 -31.80
CA ARG A 137 -9.34 -12.51 -33.25
C ARG A 137 -7.93 -12.21 -33.73
N THR A 138 -7.14 -11.47 -32.94
CA THR A 138 -5.76 -11.19 -33.32
C THR A 138 -4.90 -12.45 -33.21
N ALA A 139 -5.07 -13.21 -32.13
CA ALA A 139 -4.36 -14.46 -32.00
C ALA A 139 -4.67 -15.39 -33.18
N GLN A 140 -5.95 -15.57 -33.51
CA GLN A 140 -6.26 -16.49 -34.59
C GLN A 140 -5.94 -15.92 -35.97
N ALA A 141 -5.89 -14.60 -36.11
CA ALA A 141 -5.42 -14.03 -37.37
C ALA A 141 -3.93 -14.30 -37.56
N ALA A 142 -3.16 -14.17 -36.46
CA ALA A 142 -1.71 -14.39 -36.53
C ALA A 142 -1.34 -15.84 -36.77
N ALA A 143 -2.14 -16.79 -36.27
CA ALA A 143 -1.84 -18.20 -36.50
C ALA A 143 -2.17 -18.61 -37.94
N LEU A 144 -3.26 -18.07 -38.49
CA LEU A 144 -3.57 -18.31 -39.90
C LEU A 144 -2.48 -17.74 -40.80
N ALA A 145 -1.99 -16.52 -40.50
CA ALA A 145 -0.89 -15.95 -41.26
C ALA A 145 0.39 -16.76 -41.15
N ALA A 146 0.53 -17.60 -40.11
CA ALA A 146 1.67 -18.50 -39.96
C ALA A 146 1.44 -19.86 -40.61
N GLY A 147 0.34 -20.01 -41.35
CA GLY A 147 0.09 -21.23 -42.10
C GLY A 147 -0.53 -22.38 -41.33
N ALA A 148 -1.14 -22.10 -40.17
CA ALA A 148 -1.81 -23.14 -39.38
C ALA A 148 -3.31 -22.94 -39.43
N ASP A 149 -4.06 -24.03 -39.56
CA ASP A 149 -5.51 -24.05 -39.52
C ASP A 149 -5.80 -24.72 -38.21
N THR A 150 -6.31 -23.99 -37.24
CA THR A 150 -6.50 -24.54 -35.90
C THR A 150 -7.88 -24.62 -35.32
N ARG A 151 -7.97 -24.99 -34.06
CA ARG A 151 -9.23 -25.04 -33.38
C ARG A 151 -9.37 -23.68 -32.76
N ASP A 152 -10.57 -23.14 -32.68
CA ASP A 152 -10.77 -21.85 -32.11
C ASP A 152 -10.30 -21.74 -30.70
N GLU A 153 -10.50 -22.77 -29.93
CA GLU A 153 -10.12 -22.75 -28.54
C GLU A 153 -8.67 -22.60 -28.31
N ASP A 154 -7.90 -22.74 -29.36
CA ASP A 154 -6.47 -22.59 -29.25
C ASP A 154 -6.14 -21.14 -29.01
N HIS A 155 -7.11 -20.27 -29.21
CA HIS A 155 -6.87 -18.86 -29.05
C HIS A 155 -7.69 -18.21 -28.02
N ILE A 156 -8.39 -18.97 -27.23
CA ILE A 156 -9.19 -18.41 -26.18
C ILE A 156 -8.42 -18.62 -24.94
N ALA A 157 -8.94 -18.24 -23.80
CA ALA A 157 -8.14 -18.35 -22.61
C ALA A 157 -8.78 -17.93 -21.36
N HIS A 158 -8.39 -18.44 -20.19
CA HIS A 158 -8.94 -17.88 -18.95
C HIS A 158 -7.88 -17.04 -18.22
N TYR A 159 -7.69 -15.79 -18.64
CA TYR A 159 -6.69 -14.88 -18.08
C TYR A 159 -7.33 -13.51 -18.04
N TYR A 160 -7.06 -12.56 -17.10
CA TYR A 160 -6.16 -12.53 -15.93
C TYR A 160 -7.05 -12.78 -14.71
N PRO A 161 -6.47 -13.38 -13.60
CA PRO A 161 -7.36 -13.54 -12.47
C PRO A 161 -7.52 -12.18 -11.83
N TRP A 162 -8.27 -12.12 -10.77
CA TRP A 162 -8.55 -10.87 -10.17
C TRP A 162 -8.64 -10.84 -8.68
N ALA A 163 -8.93 -11.93 -8.03
CA ALA A 163 -9.07 -11.91 -6.61
C ALA A 163 -7.87 -11.54 -5.77
N GLU A 164 -6.69 -11.91 -6.18
CA GLU A 164 -5.53 -11.55 -5.36
C GLU A 164 -5.16 -10.07 -5.51
N PHE A 165 -5.70 -9.37 -6.50
CA PHE A 165 -5.45 -7.94 -6.65
C PHE A 165 -6.56 -7.10 -6.07
N ASP A 166 -7.50 -7.72 -5.36
CA ASP A 166 -8.70 -7.02 -4.93
C ASP A 166 -8.43 -6.10 -3.74
N SER A 167 -7.46 -6.45 -2.90
CA SER A 167 -7.24 -5.72 -1.66
C SER A 167 -6.44 -4.45 -1.89
N TYR A 168 -5.83 -4.29 -3.06
CA TYR A 168 -4.99 -3.15 -3.35
C TYR A 168 -5.75 -1.84 -3.15
N PRO A 169 -5.14 -0.86 -2.48
CA PRO A 169 -5.79 0.47 -2.35
C PRO A 169 -6.38 1.04 -3.64
N PHE A 170 -5.65 0.99 -4.75
CA PHE A 170 -6.16 1.57 -6.00
C PHE A 170 -7.06 0.62 -6.77
N ASN A 171 -7.40 -0.54 -6.21
CA ASN A 171 -8.45 -1.33 -6.83
C ASN A 171 -9.80 -0.66 -6.63
N SER A 172 -9.91 0.29 -5.71
CA SER A 172 -11.16 1.00 -5.50
C SER A 172 -11.51 1.93 -6.67
N VAL A 173 -10.53 2.31 -7.48
CA VAL A 173 -10.81 3.01 -8.73
C VAL A 173 -10.49 2.12 -9.93
N GLY A 174 -10.43 0.80 -9.72
CA GLY A 174 -10.32 -0.15 -10.82
C GLY A 174 -8.94 -0.40 -11.38
N LEU A 175 -7.88 -0.09 -10.64
CA LEU A 175 -6.51 -0.18 -11.14
C LEU A 175 -5.64 -1.06 -10.23
N GLY A 176 -6.27 -2.00 -9.60
CA GLY A 176 -5.57 -2.87 -8.73
C GLY A 176 -4.44 -3.63 -9.36
N LEU A 177 -4.60 -4.05 -10.57
CA LEU A 177 -3.61 -4.80 -11.24
C LEU A 177 -2.44 -3.94 -11.58
N ASN A 178 -2.70 -2.72 -11.93
CA ASN A 178 -1.64 -1.83 -12.25
C ASN A 178 -0.81 -1.50 -11.04
N GLU A 179 -1.45 -1.38 -9.88
CA GLU A 179 -0.75 -1.05 -8.65
C GLU A 179 0.20 -2.18 -8.31
N ALA A 180 -0.30 -3.40 -8.45
CA ALA A 180 0.45 -4.57 -8.20
C ALA A 180 1.66 -4.73 -9.04
N LEU A 181 1.67 -4.17 -10.23
CA LEU A 181 2.81 -4.26 -11.07
C LEU A 181 3.81 -3.30 -10.58
N LEU A 182 3.37 -2.17 -10.04
CA LEU A 182 4.28 -1.15 -9.49
C LEU A 182 4.99 -1.65 -8.24
N ARG A 183 4.29 -2.43 -7.40
CA ARG A 183 4.98 -3.05 -6.28
C ARG A 183 6.09 -3.97 -6.79
N ARG A 184 5.87 -4.60 -7.90
CA ARG A 184 6.87 -5.46 -8.41
C ARG A 184 8.02 -4.76 -9.04
N THR A 185 7.78 -3.80 -9.88
CA THR A 185 8.86 -3.09 -10.54
C THR A 185 9.79 -2.38 -9.61
N ARG A 186 9.24 -1.80 -8.57
CA ARG A 186 10.04 -1.08 -7.64
C ARG A 186 11.03 -1.94 -6.91
N ALA A 187 10.66 -3.16 -6.68
CA ALA A 187 11.53 -4.06 -5.93
C ALA A 187 12.52 -4.78 -6.85
N THR A 188 12.10 -5.25 -8.03
CA THR A 188 13.08 -5.97 -8.82
C THR A 188 13.82 -5.06 -9.82
N ALA A 189 13.31 -3.87 -10.12
CA ALA A 189 14.04 -2.90 -10.95
C ALA A 189 13.88 -1.48 -10.42
N PRO A 190 14.52 -1.16 -9.29
CA PRO A 190 14.28 0.14 -8.63
C PRO A 190 14.69 1.36 -9.42
N ALA A 191 15.55 1.25 -10.43
CA ALA A 191 15.91 2.42 -11.22
C ALA A 191 15.18 2.49 -12.55
N ALA A 192 14.32 1.51 -12.86
CA ALA A 192 13.66 1.47 -14.16
C ALA A 192 12.45 2.38 -14.20
N ASP A 193 12.26 3.03 -15.35
CA ASP A 193 11.02 3.72 -15.68
C ASP A 193 9.90 2.71 -15.85
N VAL A 194 8.67 3.15 -15.62
CA VAL A 194 7.48 2.33 -15.86
C VAL A 194 6.47 3.17 -16.62
N VAL A 195 6.09 2.70 -17.81
CA VAL A 195 5.26 3.44 -18.77
C VAL A 195 3.97 2.67 -18.96
N LEU A 196 2.84 3.29 -18.60
CA LEU A 196 1.60 2.55 -18.49
C LEU A 196 0.47 3.33 -19.15
N ASN A 197 -0.51 2.62 -19.67
CA ASN A 197 -1.63 3.16 -20.36
C ASN A 197 -2.84 3.09 -19.54
N PHE A 198 -3.62 4.15 -19.47
CA PHE A 198 -4.83 4.15 -18.68
C PHE A 198 -6.04 4.84 -19.20
N GLY A 199 -7.19 4.37 -18.83
CA GLY A 199 -8.42 5.11 -19.08
C GLY A 199 -8.50 6.12 -17.95
N ALA A 200 -8.65 7.39 -18.30
CA ALA A 200 -8.69 8.43 -17.30
C ALA A 200 -9.99 8.87 -16.69
N ARG A 201 -11.02 8.09 -16.82
CA ARG A 201 -12.28 8.42 -16.30
C ARG A 201 -12.21 8.73 -14.85
N VAL A 202 -11.28 8.17 -14.13
CA VAL A 202 -11.18 8.42 -12.72
C VAL A 202 -10.53 9.72 -12.39
N GLY A 203 -9.90 10.31 -13.37
CA GLY A 203 -9.24 11.59 -13.19
C GLY A 203 -7.73 11.43 -13.20
N SER A 204 -7.05 12.45 -13.73
CA SER A 204 -5.59 12.39 -13.80
C SER A 204 -4.95 12.55 -12.43
N ALA A 205 -5.63 13.22 -11.50
CA ALA A 205 -5.10 13.32 -10.15
C ALA A 205 -4.96 11.93 -9.53
N VAL A 206 -6.00 11.12 -9.66
CA VAL A 206 -6.00 9.75 -9.13
C VAL A 206 -4.93 8.91 -9.82
N LEU A 207 -4.87 8.98 -11.16
CA LEU A 207 -3.81 8.27 -11.88
C LEU A 207 -2.43 8.68 -11.39
N PHE A 208 -2.22 9.97 -11.14
CA PHE A 208 -0.92 10.40 -10.65
C PHE A 208 -0.66 9.86 -9.24
N GLU A 209 -1.68 9.86 -8.39
CA GLU A 209 -1.51 9.32 -7.05
C GLU A 209 -1.14 7.84 -7.06
N LEU A 210 -1.50 7.10 -8.07
CA LEU A 210 -1.15 5.71 -8.15
C LEU A 210 0.35 5.54 -8.21
N PHE A 211 1.00 6.41 -8.91
CA PHE A 211 2.40 6.33 -8.99
C PHE A 211 3.05 6.86 -7.76
N GLU A 212 2.62 8.01 -7.31
CA GLU A 212 3.21 8.66 -6.18
C GLU A 212 3.16 7.86 -4.92
N ALA A 213 2.15 7.05 -4.80
CA ALA A 213 2.00 6.26 -3.64
C ALA A 213 2.89 5.11 -3.63
N ASN A 214 3.48 4.81 -4.75
CA ASN A 214 4.29 3.61 -4.91
C ASN A 214 5.71 3.95 -5.32
N GLY A 215 6.19 5.16 -5.01
CA GLY A 215 7.59 5.51 -5.19
C GLY A 215 7.98 6.04 -6.55
N TYR A 216 7.04 6.54 -7.33
CA TYR A 216 7.32 7.00 -8.68
C TYR A 216 6.81 8.43 -8.86
N VAL A 217 7.57 9.24 -9.59
CA VAL A 217 7.13 10.58 -9.99
C VAL A 217 6.47 10.46 -11.37
N PRO A 218 5.19 10.78 -11.50
CA PRO A 218 4.51 10.56 -12.78
C PRO A 218 4.57 11.74 -13.73
N GLU A 219 4.65 11.41 -15.02
CA GLU A 219 4.56 12.39 -16.09
C GLU A 219 3.64 11.86 -17.18
N LYS A 220 2.64 12.66 -17.58
CA LYS A 220 1.72 12.28 -18.63
C LYS A 220 2.40 12.50 -19.98
N LEU A 221 2.55 11.46 -20.75
CA LEU A 221 3.25 11.60 -21.97
C LEU A 221 2.47 11.92 -23.16
N HIS A 222 1.21 11.54 -23.17
CA HIS A 222 0.39 11.76 -24.31
C HIS A 222 -0.98 11.36 -23.96
N SER A 223 -1.97 11.96 -24.58
CA SER A 223 -3.33 11.62 -24.29
C SER A 223 -4.22 11.80 -25.46
N GLN A 224 -5.40 11.21 -25.45
CA GLN A 224 -6.31 11.30 -26.56
C GLN A 224 -7.70 11.14 -26.13
N ILE A 225 -8.64 11.78 -26.80
CA ILE A 225 -10.05 11.60 -26.52
C ILE A 225 -10.55 10.47 -27.40
N VAL A 226 -11.29 9.55 -26.80
CA VAL A 226 -11.79 8.41 -27.52
C VAL A 226 -13.21 8.21 -27.21
N LEU A 227 -13.87 7.43 -28.04
CA LEU A 227 -15.26 7.16 -27.85
C LEU A 227 -15.52 5.79 -27.32
N GLN A 228 -16.47 5.65 -26.43
CA GLN A 228 -16.75 4.34 -25.90
C GLN A 228 -17.90 3.66 -26.63
N HIS A 229 -17.81 2.38 -26.89
CA HIS A 229 -18.86 1.68 -27.59
C HIS A 229 -20.17 1.98 -26.94
N ALA A 230 -21.25 1.86 -27.67
CA ALA A 230 -22.54 2.22 -27.16
C ALA A 230 -22.99 1.41 -26.01
N GLY A 231 -22.69 0.15 -26.03
CA GLY A 231 -23.12 -0.69 -24.94
C GLY A 231 -22.24 -0.70 -23.71
N THR A 232 -21.30 0.25 -23.57
CA THR A 232 -20.38 0.26 -22.43
C THR A 232 -21.10 0.61 -21.14
N ASP A 233 -20.99 -0.28 -20.15
CA ASP A 233 -21.50 -0.01 -18.82
C ASP A 233 -20.59 0.96 -18.09
N ILE A 234 -21.16 2.00 -17.51
CA ILE A 234 -20.37 2.94 -16.72
C ILE A 234 -20.97 3.13 -15.34
N SER A 235 -21.75 2.14 -14.88
CA SER A 235 -22.30 2.22 -13.54
C SER A 235 -21.21 2.18 -12.48
N PHE A 236 -20.10 1.50 -12.76
CA PHE A 236 -18.97 1.52 -11.84
C PHE A 236 -18.55 2.95 -11.56
N PHE A 237 -18.30 3.74 -12.62
CA PHE A 237 -17.89 5.13 -12.44
C PHE A 237 -18.99 5.98 -11.83
N VAL A 238 -20.25 5.70 -12.17
CA VAL A 238 -21.37 6.38 -11.48
C VAL A 238 -21.32 6.05 -10.00
N ALA A 239 -21.05 4.80 -9.66
CA ALA A 239 -21.05 4.38 -8.26
C ALA A 239 -19.96 5.10 -7.48
N LEU A 240 -18.82 5.41 -8.11
CA LEU A 240 -17.79 6.21 -7.45
C LEU A 240 -18.29 7.60 -7.10
N GLU A 241 -19.21 8.16 -7.90
CA GLU A 241 -19.66 9.53 -7.65
C GLU A 241 -20.62 9.63 -6.48
N ASN A 242 -21.27 8.56 -6.14
CA ASN A 242 -22.19 8.58 -5.03
C ASN A 242 -21.63 8.01 -3.77
N ALA A 243 -20.43 7.48 -3.82
CA ALA A 243 -19.84 6.89 -2.68
C ALA A 243 -19.36 7.87 -1.68
N LEU A 244 -19.24 7.38 -0.45
CA LEU A 244 -18.73 8.10 0.67
C LEU A 244 -17.26 7.74 0.71
N ALA A 245 -16.53 8.38 1.57
CA ALA A 245 -15.12 8.12 1.69
C ALA A 245 -14.91 7.07 2.72
N GLN A 246 -13.66 6.62 2.85
CA GLN A 246 -13.28 5.61 3.79
C GLN A 246 -13.69 6.11 5.13
N THR A 247 -13.78 7.41 5.24
CA THR A 247 -14.18 7.96 6.50
C THR A 247 -15.66 7.81 6.79
N GLY A 248 -16.48 7.63 5.77
CA GLY A 248 -17.90 7.59 5.95
C GLY A 248 -18.44 9.00 5.92
N LEU A 249 -17.58 9.94 5.58
CA LEU A 249 -17.91 11.33 5.46
C LEU A 249 -18.18 11.58 3.99
N GLU A 250 -18.78 12.71 3.67
CA GLU A 250 -19.10 12.99 2.29
C GLU A 250 -17.87 13.15 1.48
N ARG A 251 -17.91 12.51 0.34
CA ARG A 251 -16.79 12.51 -0.59
C ARG A 251 -17.16 13.33 -1.82
N GLU A 252 -16.30 14.22 -2.26
CA GLU A 252 -16.59 14.98 -3.44
C GLU A 252 -15.73 14.47 -4.61
N PHE A 253 -16.39 13.82 -5.56
CA PHE A 253 -15.68 13.24 -6.67
C PHE A 253 -16.41 13.23 -8.00
N THR A 254 -15.68 13.44 -9.07
CA THR A 254 -16.28 13.49 -10.36
C THR A 254 -15.46 12.82 -11.42
N CYS A 255 -16.09 11.97 -12.19
CA CYS A 255 -15.39 11.27 -13.22
C CYS A 255 -15.27 12.15 -14.38
N GLU A 256 -14.40 11.82 -15.29
CA GLU A 256 -14.14 12.69 -16.43
C GLU A 256 -14.55 11.98 -17.73
N PHE A 257 -15.74 12.33 -18.22
CA PHE A 257 -16.25 12.00 -19.55
C PHE A 257 -16.35 13.29 -20.39
N TYR A 258 -16.72 13.11 -21.66
CA TYR A 258 -16.87 14.24 -22.58
C TYR A 258 -18.01 13.94 -23.53
N GLY A 259 -18.67 15.00 -23.98
CA GLY A 259 -19.73 14.88 -24.97
C GLY A 259 -19.24 15.05 -26.40
N ASP A 260 -18.09 15.68 -26.57
CA ASP A 260 -17.56 16.00 -27.89
C ASP A 260 -16.21 15.32 -28.13
N PRO A 261 -15.94 14.91 -29.34
CA PRO A 261 -14.71 14.26 -29.67
C PRO A 261 -13.51 15.05 -29.44
N GLU A 262 -13.69 16.29 -29.05
CA GLU A 262 -12.57 17.16 -28.89
C GLU A 262 -12.24 17.37 -27.43
N GLY A 263 -13.12 16.94 -26.57
CA GLY A 263 -12.90 17.05 -25.15
C GLY A 263 -13.14 18.42 -24.66
N ALA A 264 -14.16 19.04 -25.22
CA ALA A 264 -14.48 20.43 -24.88
C ALA A 264 -15.65 20.54 -23.91
N THR A 265 -16.68 19.70 -24.04
CA THR A 265 -17.80 19.71 -23.12
C THR A 265 -17.64 18.51 -22.16
N ARG A 266 -17.35 18.80 -20.91
CA ARG A 266 -17.12 17.80 -19.91
C ARG A 266 -18.37 17.28 -19.33
N LEU A 267 -18.39 16.02 -18.92
CA LEU A 267 -19.53 15.36 -18.31
C LEU A 267 -19.06 14.48 -17.16
N SER A 268 -19.75 14.55 -16.03
CA SER A 268 -19.54 13.55 -14.99
C SER A 268 -20.12 12.21 -15.43
N ALA A 269 -19.85 11.16 -14.63
CA ALA A 269 -20.42 9.86 -14.92
C ALA A 269 -21.94 9.88 -14.86
N THR A 270 -22.50 10.56 -13.85
CA THR A 270 -23.94 10.63 -13.71
C THR A 270 -24.59 11.35 -14.90
N GLU A 271 -23.99 12.47 -15.34
CA GLU A 271 -24.48 13.14 -16.54
C GLU A 271 -24.33 12.24 -17.76
N ALA A 272 -23.15 11.66 -17.95
CA ALA A 272 -22.93 10.82 -19.12
C ALA A 272 -23.98 9.70 -19.18
N GLN A 273 -24.31 9.11 -18.04
CA GLN A 273 -25.31 8.06 -18.08
C GLN A 273 -26.72 8.59 -18.28
N ALA A 274 -26.96 9.87 -17.93
CA ALA A 274 -28.25 10.48 -18.24
C ALA A 274 -28.46 10.58 -19.74
N LEU A 275 -27.47 11.11 -20.46
CA LEU A 275 -27.58 11.25 -21.91
C LEU A 275 -27.76 9.92 -22.64
N VAL A 276 -27.53 8.79 -21.99
CA VAL A 276 -27.85 7.49 -22.57
C VAL A 276 -29.02 6.82 -21.87
N ASP A 277 -29.69 7.56 -21.03
CA ASP A 277 -30.88 7.07 -20.41
C ASP A 277 -32.06 7.78 -21.10
N THR A 278 -31.74 8.89 -21.73
CA THR A 278 -32.70 9.60 -22.49
C THR A 278 -32.43 9.08 -23.91
N ASP A 279 -31.39 9.50 -24.62
CA ASP A 279 -31.14 8.94 -25.94
C ASP A 279 -30.46 7.59 -25.69
N SER A 280 -29.99 6.89 -26.71
CA SER A 280 -29.33 5.61 -26.50
C SER A 280 -28.09 5.42 -27.32
N ALA A 281 -27.79 6.39 -28.15
CA ALA A 281 -26.64 6.42 -29.00
C ALA A 281 -25.85 7.69 -28.85
N ALA A 282 -26.08 8.38 -27.76
CA ALA A 282 -25.34 9.60 -27.49
C ALA A 282 -23.84 9.32 -27.42
N GLU A 283 -23.07 9.98 -28.27
CA GLU A 283 -21.63 9.75 -28.32
C GLU A 283 -20.99 10.19 -27.01
N ILE A 284 -20.34 9.25 -26.33
CA ILE A 284 -19.75 9.50 -25.02
C ILE A 284 -18.27 9.20 -25.08
N TYR A 285 -17.46 10.15 -24.65
CA TYR A 285 -16.02 10.10 -24.79
C TYR A 285 -15.35 10.14 -23.43
N HIS A 286 -14.10 9.72 -23.41
CA HIS A 286 -13.29 9.80 -22.21
C HIS A 286 -11.84 9.85 -22.65
N GLU A 287 -10.97 10.10 -21.69
CA GLU A 287 -9.55 10.23 -21.98
C GLU A 287 -8.86 8.88 -21.85
N VAL A 288 -7.86 8.66 -22.70
CA VAL A 288 -6.87 7.59 -22.56
C VAL A 288 -5.51 8.26 -22.60
N CYS A 289 -4.62 7.88 -21.69
CA CYS A 289 -3.35 8.58 -21.57
C CYS A 289 -2.25 7.64 -21.12
N VAL A 290 -1.02 7.98 -21.54
CA VAL A 290 0.17 7.23 -21.20
C VAL A 290 0.91 7.99 -20.12
N ILE A 291 1.21 7.31 -19.02
CA ILE A 291 1.89 7.92 -17.88
C ILE A 291 3.19 7.20 -17.64
N ARG A 292 4.24 7.95 -17.42
CA ARG A 292 5.50 7.38 -17.10
C ARG A 292 5.77 7.63 -15.68
N GLY A 293 6.22 6.61 -14.98
CA GLY A 293 6.57 6.76 -13.61
C GLY A 293 8.06 6.65 -13.56
N ARG A 294 8.68 7.57 -12.86
CA ARG A 294 10.10 7.57 -12.74
C ARG A 294 10.43 7.62 -11.32
N PRO A 295 11.38 6.70 -10.94
CA PRO A 295 11.75 6.73 -9.54
C PRO A 295 12.75 7.83 -9.22
N ALA A 296 12.80 8.24 -7.98
CA ALA A 296 13.69 9.36 -7.57
C ALA A 296 15.16 9.02 -7.74
N PRO B 11 19.87 -37.22 5.30
CA PRO B 11 19.11 -38.23 4.57
C PRO B 11 18.26 -39.04 5.53
N HIS B 12 17.97 -38.48 6.68
CA HIS B 12 17.17 -39.16 7.62
C HIS B 12 16.31 -38.12 8.22
N ALA B 13 15.11 -38.02 7.76
CA ALA B 13 14.18 -37.05 8.25
C ALA B 13 14.09 -37.12 9.73
N PRO B 14 14.24 -35.93 10.41
CA PRO B 14 14.12 -36.01 11.86
C PRO B 14 12.70 -36.15 12.45
N GLU B 15 11.92 -37.09 11.97
CA GLU B 15 10.58 -37.28 12.49
C GLU B 15 10.37 -37.16 13.98
N PHE B 16 11.25 -37.69 14.78
CA PHE B 16 11.12 -37.59 16.24
C PHE B 16 11.02 -36.15 16.71
N ALA B 17 11.57 -35.21 15.97
CA ALA B 17 11.64 -33.82 16.37
C ALA B 17 10.41 -32.97 16.30
N PHE B 18 9.65 -33.08 15.23
CA PHE B 18 8.43 -32.32 15.03
C PHE B 18 7.41 -32.72 16.03
N ASP B 19 6.65 -31.78 16.59
CA ASP B 19 5.64 -32.20 17.56
C ASP B 19 4.49 -32.90 17.00
N PRO B 20 4.07 -33.84 17.76
CA PRO B 20 2.97 -34.71 17.41
C PRO B 20 1.66 -34.15 17.89
N THR B 21 1.71 -33.07 18.62
CA THR B 21 0.49 -32.47 19.14
C THR B 21 -0.22 -31.46 18.23
N ASP B 22 0.49 -30.41 17.84
CA ASP B 22 -0.08 -29.34 17.04
C ASP B 22 0.31 -29.39 15.60
N PRO B 23 -0.62 -29.69 14.72
CA PRO B 23 -0.31 -29.73 13.27
C PRO B 23 0.14 -28.41 12.67
N TRP B 24 -0.28 -27.27 13.25
CA TRP B 24 0.25 -25.99 12.81
C TRP B 24 1.74 -25.86 13.11
N THR B 25 2.13 -26.07 14.38
CA THR B 25 3.55 -26.00 14.75
C THR B 25 4.37 -27.05 13.99
N GLU B 26 3.80 -28.24 13.80
CA GLU B 26 4.49 -29.28 13.04
C GLU B 26 4.74 -28.83 11.60
N THR B 27 3.71 -28.29 10.94
CA THR B 27 3.89 -27.78 9.58
C THR B 27 4.99 -26.72 9.54
N PHE B 28 4.95 -25.78 10.49
CA PHE B 28 6.00 -24.75 10.59
C PHE B 28 7.37 -25.38 10.70
N GLN B 29 7.56 -26.29 11.68
CA GLN B 29 8.88 -26.86 11.95
C GLN B 29 9.42 -27.61 10.74
N ARG B 30 8.55 -28.30 10.01
CA ARG B 30 8.99 -28.99 8.81
C ARG B 30 9.43 -28.01 7.73
N GLY B 31 8.72 -26.87 7.59
CA GLY B 31 9.20 -25.82 6.70
C GLY B 31 10.52 -25.19 7.14
N LEU B 32 10.68 -24.98 8.45
CA LEU B 32 11.96 -24.45 8.94
C LEU B 32 13.11 -25.38 8.62
N GLU B 33 12.89 -26.67 8.65
CA GLU B 33 13.89 -27.63 8.32
C GLU B 33 14.27 -27.57 6.87
N ILE B 34 13.34 -27.22 6.03
CA ILE B 34 13.55 -27.12 4.61
C ILE B 34 14.14 -25.81 4.23
N ALA B 35 13.88 -24.81 5.04
CA ALA B 35 14.37 -23.50 4.77
C ALA B 35 15.84 -23.47 4.65
N GLY B 36 16.54 -24.33 5.35
CA GLY B 36 17.98 -24.33 5.30
C GLY B 36 18.58 -23.27 6.17
N LEU B 37 18.28 -23.36 7.44
CA LEU B 37 18.77 -22.38 8.40
C LEU B 37 20.19 -22.66 8.88
N GLY B 38 20.85 -23.71 8.38
CA GLY B 38 22.18 -24.08 8.85
C GLY B 38 23.18 -22.96 8.71
N GLY B 39 23.73 -22.51 9.82
CA GLY B 39 24.68 -21.42 9.86
C GLY B 39 24.22 -20.00 9.80
N LYS B 40 22.93 -19.76 9.92
CA LYS B 40 22.39 -18.42 9.84
C LYS B 40 21.99 -17.82 11.15
N ARG B 41 21.76 -16.51 11.16
CA ARG B 41 21.28 -15.84 12.34
C ARG B 41 19.82 -15.79 12.10
N VAL B 42 19.01 -16.01 13.10
CA VAL B 42 17.64 -16.15 12.83
C VAL B 42 16.95 -15.45 13.93
N TYR B 43 15.95 -14.69 13.58
CA TYR B 43 15.13 -13.98 14.56
C TYR B 43 13.72 -14.56 14.51
N GLU B 44 13.17 -14.92 15.66
CA GLU B 44 11.81 -15.46 15.72
C GLU B 44 10.90 -14.46 16.42
N VAL B 45 9.84 -14.05 15.72
CA VAL B 45 8.83 -13.16 16.28
C VAL B 45 7.83 -14.00 17.05
N GLY B 46 7.72 -13.76 18.35
CA GLY B 46 6.87 -14.60 19.18
C GLY B 46 7.53 -15.92 19.48
N ILE B 47 8.62 -15.90 20.26
CA ILE B 47 9.33 -17.13 20.60
C ILE B 47 8.51 -18.03 21.51
N GLY B 48 7.53 -17.48 22.23
CA GLY B 48 6.70 -18.27 23.10
C GLY B 48 7.54 -18.96 24.16
N THR B 49 7.31 -20.26 24.32
CA THR B 49 8.02 -21.13 25.26
C THR B 49 9.41 -21.51 24.77
N GLY B 50 9.75 -21.24 23.52
CA GLY B 50 11.08 -21.43 23.02
C GLY B 50 11.32 -22.73 22.27
N ILE B 51 10.29 -23.55 22.09
CA ILE B 51 10.52 -24.86 21.53
C ILE B 51 10.90 -24.78 20.06
N ASN B 52 10.38 -23.79 19.31
CA ASN B 52 10.87 -23.57 17.96
C ASN B 52 12.34 -23.19 17.96
N VAL B 53 12.75 -22.34 18.92
CA VAL B 53 14.16 -21.97 19.02
C VAL B 53 15.00 -23.22 19.27
N ALA B 54 14.59 -24.04 20.23
CA ALA B 54 15.27 -25.31 20.47
C ALA B 54 15.33 -26.14 19.20
N PHE B 55 14.20 -26.23 18.48
CA PHE B 55 14.18 -26.97 17.21
C PHE B 55 15.16 -26.37 16.21
N MET B 56 15.15 -25.05 16.05
CA MET B 56 16.05 -24.42 15.08
C MET B 56 17.52 -24.56 15.48
N LEU B 57 17.81 -24.53 16.78
CA LEU B 57 19.19 -24.70 17.22
C LEU B 57 19.66 -26.14 17.04
N GLN B 58 18.86 -27.12 17.48
CA GLN B 58 19.30 -28.51 17.56
C GLN B 58 19.18 -29.24 16.23
N ILE B 59 18.04 -29.10 15.55
CA ILE B 59 17.78 -29.84 14.31
C ILE B 59 18.25 -29.06 13.08
N CYS B 60 17.97 -27.77 13.03
CA CYS B 60 18.30 -26.96 11.88
C CYS B 60 19.68 -26.45 11.86
N GLU B 61 20.29 -26.40 13.02
CA GLU B 61 21.65 -25.98 13.12
C GLU B 61 21.96 -24.54 12.80
N ALA B 62 21.11 -23.67 13.31
CA ALA B 62 21.28 -22.27 13.10
C ALA B 62 22.51 -21.80 13.82
N ALA B 63 23.20 -20.85 13.26
CA ALA B 63 24.35 -20.37 13.93
C ALA B 63 24.01 -19.53 15.12
N LEU B 64 22.90 -18.83 15.08
CA LEU B 64 22.50 -17.98 16.17
C LEU B 64 21.03 -17.72 16.05
N VAL B 65 20.35 -17.61 17.16
CA VAL B 65 18.95 -17.38 17.16
C VAL B 65 18.56 -16.41 18.20
N SER B 66 17.87 -15.39 17.78
CA SER B 66 17.34 -14.46 18.76
C SER B 66 15.83 -14.36 18.49
N GLY B 67 15.17 -13.49 19.24
CA GLY B 67 13.73 -13.37 19.12
C GLY B 67 13.16 -12.61 20.29
N SER B 68 11.84 -12.46 20.26
CA SER B 68 11.12 -11.68 21.25
C SER B 68 9.69 -12.16 21.33
N ASP B 69 8.99 -11.71 22.35
CA ASP B 69 7.58 -11.99 22.48
C ASP B 69 6.88 -10.76 23.04
N LEU B 70 5.59 -10.72 22.85
CA LEU B 70 4.78 -9.67 23.36
C LEU B 70 4.69 -9.82 24.84
N ASP B 71 4.72 -11.04 25.32
CA ASP B 71 4.68 -11.29 26.75
C ASP B 71 6.07 -11.28 27.30
N PRO B 72 6.26 -10.40 28.34
CA PRO B 72 7.62 -10.32 28.85
C PRO B 72 8.13 -11.49 29.64
N ARG B 73 7.26 -12.32 30.16
CA ARG B 73 7.69 -13.43 30.91
C ARG B 73 8.15 -14.52 30.05
N LEU B 74 7.84 -14.47 28.79
CA LEU B 74 8.12 -15.63 27.95
C LEU B 74 9.58 -15.72 27.54
N ALA B 75 10.31 -14.61 27.47
CA ALA B 75 11.72 -14.68 27.09
C ALA B 75 12.49 -15.52 28.10
N GLY B 76 12.26 -15.27 29.40
CA GLY B 76 12.96 -16.03 30.42
C GLY B 76 12.60 -17.50 30.41
N LEU B 77 11.31 -17.80 30.27
CA LEU B 77 10.89 -19.20 30.20
C LEU B 77 11.45 -19.87 28.95
N ALA B 78 11.46 -19.16 27.82
CA ALA B 78 12.08 -19.71 26.61
C ALA B 78 13.53 -20.07 26.87
N GLU B 79 14.21 -19.34 27.73
CA GLU B 79 15.59 -19.63 28.00
C GLU B 79 15.83 -20.94 28.69
N ARG B 80 14.98 -21.32 29.61
CA ARG B 80 15.15 -22.56 30.29
C ARG B 80 15.00 -23.63 29.32
N ASN B 81 13.88 -23.62 28.64
CA ASN B 81 13.61 -24.65 27.70
C ASN B 81 14.70 -24.92 26.75
N VAL B 82 15.25 -23.91 26.14
CA VAL B 82 16.37 -24.03 25.22
C VAL B 82 17.57 -24.64 25.91
N ARG B 83 17.82 -24.27 27.17
CA ARG B 83 18.94 -24.87 27.90
C ARG B 83 18.67 -26.33 28.24
N ASP B 84 17.42 -26.69 28.53
CA ASP B 84 17.09 -28.10 28.74
C ASP B 84 17.16 -28.88 27.43
N LEU B 85 16.50 -28.40 26.38
CA LEU B 85 16.26 -29.20 25.19
C LEU B 85 17.41 -29.17 24.20
N ALA B 86 18.15 -28.07 24.11
CA ALA B 86 19.34 -27.99 23.27
C ALA B 86 20.51 -27.54 24.13
N PRO B 87 20.88 -28.35 25.12
CA PRO B 87 21.87 -27.88 26.10
C PRO B 87 23.20 -27.52 25.47
N ARG B 88 23.64 -28.31 24.50
CA ARG B 88 24.94 -28.07 23.89
C ARG B 88 24.90 -27.06 22.74
N ARG B 89 23.77 -26.38 22.55
CA ARG B 89 23.63 -25.33 21.55
C ARG B 89 23.01 -24.06 22.09
N ALA B 90 22.59 -24.09 23.34
CA ALA B 90 21.96 -22.96 23.94
C ALA B 90 22.76 -21.71 24.12
N ASP B 91 24.05 -21.77 23.95
CA ASP B 91 24.88 -20.62 24.07
C ASP B 91 24.64 -19.72 22.91
N ARG B 92 23.92 -20.19 21.91
CA ARG B 92 23.64 -19.39 20.77
C ARG B 92 22.29 -18.78 20.75
N PHE B 93 21.57 -18.78 21.83
CA PHE B 93 20.27 -18.20 21.89
C PHE B 93 20.43 -16.93 22.66
N HIS B 94 20.07 -15.82 22.07
CA HIS B 94 20.20 -14.49 22.65
C HIS B 94 18.88 -13.75 22.49
N PRO B 95 17.89 -14.04 23.26
CA PRO B 95 16.65 -13.35 23.09
C PRO B 95 16.68 -11.89 23.43
N VAL B 96 15.63 -11.18 23.14
CA VAL B 96 15.46 -9.79 23.45
C VAL B 96 14.34 -9.73 24.46
N GLU B 97 14.52 -9.03 25.56
CA GLU B 97 13.47 -8.88 26.55
C GLU B 97 13.05 -7.53 26.20
N GLY B 98 11.88 -7.03 26.56
CA GLY B 98 10.83 -7.67 27.27
C GLY B 98 9.59 -7.66 26.42
N ALA B 99 8.62 -6.81 26.66
CA ALA B 99 7.41 -6.81 25.85
C ALA B 99 7.63 -6.21 24.48
N VAL B 100 7.60 -7.05 23.47
CA VAL B 100 7.93 -6.61 22.13
C VAL B 100 6.76 -6.97 21.23
N SER B 101 6.03 -5.95 20.78
CA SER B 101 5.01 -6.15 19.77
C SER B 101 5.70 -6.13 18.42
N LEU B 102 5.48 -7.19 17.63
CA LEU B 102 6.17 -7.42 16.37
C LEU B 102 7.65 -7.29 16.69
N ILE B 103 8.35 -6.31 16.11
CA ILE B 103 9.74 -6.05 16.48
C ILE B 103 10.00 -4.61 16.91
N ASP B 104 9.06 -4.04 17.66
CA ASP B 104 9.00 -2.58 17.81
C ASP B 104 9.72 -2.08 19.07
N THR B 105 10.98 -2.46 19.25
CA THR B 105 11.84 -1.80 20.22
C THR B 105 13.21 -1.65 19.59
N PRO B 106 14.01 -0.75 20.08
CA PRO B 106 15.32 -0.57 19.50
C PRO B 106 16.17 -1.81 19.48
N GLU B 107 16.11 -2.60 20.53
CA GLU B 107 16.90 -3.80 20.59
C GLU B 107 16.42 -4.85 19.64
N ALA B 108 15.12 -5.03 19.56
CA ALA B 108 14.60 -5.98 18.65
C ALA B 108 14.97 -5.56 17.27
N ARG B 109 14.96 -4.27 16.99
CA ARG B 109 15.28 -3.79 15.68
C ARG B 109 16.72 -4.01 15.33
N ALA B 110 17.59 -3.78 16.27
CA ALA B 110 19.02 -4.06 16.08
C ALA B 110 19.27 -5.53 15.80
N GLN B 111 18.60 -6.41 16.53
CA GLN B 111 18.83 -7.83 16.32
C GLN B 111 18.24 -8.29 14.98
N VAL B 112 17.05 -7.78 14.61
CA VAL B 112 16.49 -8.12 13.30
C VAL B 112 17.41 -7.63 12.20
N GLY B 113 18.01 -6.49 12.41
CA GLY B 113 18.89 -5.90 11.46
C GLY B 113 20.14 -6.67 11.18
N ARG B 114 20.44 -7.59 12.05
CA ARG B 114 21.60 -8.40 11.89
C ARG B 114 21.33 -9.78 11.44
N SER B 115 20.08 -10.14 11.32
CA SER B 115 19.73 -11.47 10.96
C SER B 115 19.72 -11.81 9.52
N ASP B 116 19.90 -13.07 9.21
CA ASP B 116 19.77 -13.54 7.83
C ASP B 116 18.34 -13.98 7.50
N VAL B 117 17.60 -14.47 8.49
CA VAL B 117 16.25 -15.01 8.28
C VAL B 117 15.42 -14.52 9.45
N ILE B 118 14.19 -14.05 9.15
CA ILE B 118 13.18 -13.77 10.16
C ILE B 118 12.08 -14.80 9.97
N VAL B 119 11.64 -15.41 11.06
CA VAL B 119 10.66 -16.48 10.99
C VAL B 119 9.56 -16.15 11.98
N GLY B 120 8.36 -16.65 11.69
CA GLY B 120 7.28 -16.56 12.66
C GLY B 120 6.05 -17.32 12.21
N CYS B 121 5.19 -17.56 13.20
CA CYS B 121 3.83 -18.06 13.04
C CYS B 121 2.93 -17.06 13.76
N LEU B 122 2.40 -16.08 13.02
CA LEU B 122 1.77 -14.95 13.70
C LEU B 122 0.27 -15.12 13.79
N PRO B 123 -0.37 -14.41 14.71
CA PRO B 123 -1.85 -14.39 14.74
C PRO B 123 -2.43 -14.04 13.38
N GLN B 124 -3.58 -14.66 13.07
CA GLN B 124 -4.19 -14.50 11.76
C GLN B 124 -5.59 -15.07 11.83
N VAL B 125 -6.49 -14.54 11.04
CA VAL B 125 -7.80 -15.07 11.07
C VAL B 125 -7.76 -16.47 10.54
N GLY B 126 -8.27 -17.39 11.31
CA GLY B 126 -8.27 -18.76 10.90
C GLY B 126 -7.34 -19.64 11.69
N GLU B 127 -6.67 -19.07 12.66
CA GLU B 127 -5.80 -19.83 13.49
C GLU B 127 -6.71 -20.66 14.31
N PRO B 128 -6.17 -21.57 15.07
CA PRO B 128 -6.94 -22.43 15.94
C PRO B 128 -7.43 -21.65 17.10
N ASP B 129 -8.57 -22.01 17.64
CA ASP B 129 -9.13 -21.29 18.78
C ASP B 129 -8.36 -21.49 20.03
N ASP B 130 -7.97 -22.72 20.28
CA ASP B 130 -7.26 -23.11 21.46
C ASP B 130 -6.25 -22.10 21.89
N VAL B 131 -5.63 -21.45 20.91
CA VAL B 131 -4.60 -20.44 21.11
C VAL B 131 -4.64 -19.69 22.45
N TYR B 160 -1.90 -10.18 18.49
CA TYR B 160 -1.21 -9.08 19.10
C TYR B 160 -2.24 -8.03 19.49
N PRO B 161 -1.78 -6.74 19.73
CA PRO B 161 -2.82 -5.78 20.14
C PRO B 161 -4.01 -5.75 19.21
N TRP B 162 -3.82 -5.85 17.90
CA TRP B 162 -4.94 -5.97 16.96
C TRP B 162 -5.73 -4.88 16.19
N ALA B 163 -6.07 -3.71 16.73
CA ALA B 163 -6.89 -2.88 15.90
C ALA B 163 -6.09 -1.97 15.07
N GLU B 164 -4.87 -1.73 15.46
CA GLU B 164 -4.02 -0.88 14.63
C GLU B 164 -3.61 -1.53 13.32
N PHE B 165 -3.82 -2.84 13.15
CA PHE B 165 -3.50 -3.53 11.91
C PHE B 165 -4.69 -3.67 10.98
N ASP B 166 -5.85 -3.27 11.44
CA ASP B 166 -7.07 -3.38 10.68
C ASP B 166 -7.08 -2.66 9.37
N SER B 167 -6.28 -1.64 9.22
CA SER B 167 -6.26 -0.89 8.01
C SER B 167 -5.46 -1.48 6.90
N TYR B 168 -4.68 -2.47 7.19
CA TYR B 168 -3.82 -3.03 6.16
C TYR B 168 -4.65 -3.64 5.04
N PRO B 169 -4.27 -3.43 3.77
CA PRO B 169 -5.01 -4.06 2.66
C PRO B 169 -5.20 -5.56 2.83
N PHE B 170 -4.17 -6.28 3.25
CA PHE B 170 -4.32 -7.72 3.38
C PHE B 170 -5.01 -8.15 4.65
N ASN B 171 -5.48 -7.20 5.47
CA ASN B 171 -6.37 -7.62 6.55
C ASN B 171 -7.75 -8.01 6.02
N SER B 172 -8.07 -7.69 4.77
CA SER B 172 -9.32 -8.14 4.18
C SER B 172 -9.38 -9.66 4.07
N VAL B 173 -8.24 -10.33 4.11
CA VAL B 173 -8.19 -11.79 4.15
C VAL B 173 -7.64 -12.30 5.48
N GLY B 174 -7.65 -11.45 6.51
CA GLY B 174 -7.26 -11.87 7.85
C GLY B 174 -5.77 -11.85 8.13
N LEU B 175 -4.99 -11.26 7.26
CA LEU B 175 -3.56 -11.24 7.41
C LEU B 175 -2.86 -9.92 7.59
N GLY B 176 -3.47 -8.99 8.29
CA GLY B 176 -2.90 -7.70 8.53
C GLY B 176 -1.63 -7.64 9.35
N LEU B 177 -1.59 -8.40 10.39
CA LEU B 177 -0.48 -8.50 11.26
C LEU B 177 0.69 -9.04 10.52
N ASN B 178 0.45 -9.94 9.62
CA ASN B 178 1.50 -10.51 8.85
C ASN B 178 2.01 -9.49 7.91
N GLU B 179 1.15 -8.68 7.34
CA GLU B 179 1.62 -7.64 6.43
C GLU B 179 2.37 -6.56 7.19
N ALA B 180 1.91 -6.25 8.41
CA ALA B 180 2.61 -5.31 9.26
C ALA B 180 4.07 -5.72 9.46
N LEU B 181 4.33 -7.01 9.74
CA LEU B 181 5.71 -7.46 9.89
C LEU B 181 6.51 -7.26 8.60
N LEU B 182 5.90 -7.54 7.44
CA LEU B 182 6.67 -7.41 6.20
C LEU B 182 7.08 -5.96 5.96
N ARG B 183 6.25 -4.97 6.34
CA ARG B 183 6.67 -3.58 6.25
C ARG B 183 7.89 -3.32 7.12
N ARG B 184 7.92 -3.91 8.32
CA ARG B 184 9.02 -3.72 9.24
C ARG B 184 10.28 -4.44 8.77
N THR B 185 10.16 -5.72 8.35
CA THR B 185 11.35 -6.45 7.93
C THR B 185 11.98 -5.82 6.69
N ARG B 186 11.19 -5.38 5.77
CA ARG B 186 11.73 -4.78 4.57
C ARG B 186 12.50 -3.53 4.81
N ALA B 187 12.19 -2.87 5.91
CA ALA B 187 12.83 -1.67 6.25
C ALA B 187 14.05 -1.83 7.12
N THR B 188 13.98 -2.71 8.08
CA THR B 188 15.03 -2.95 9.01
C THR B 188 16.06 -3.95 8.55
N ALA B 189 15.69 -4.92 7.77
CA ALA B 189 16.61 -5.93 7.31
C ALA B 189 16.30 -6.24 5.88
N PRO B 190 16.62 -5.26 4.97
CA PRO B 190 16.22 -5.52 3.59
C PRO B 190 16.77 -6.64 2.81
N ALA B 191 17.73 -7.34 3.31
CA ALA B 191 18.38 -8.43 2.62
C ALA B 191 17.99 -9.80 3.20
N ALA B 192 17.24 -9.81 4.29
CA ALA B 192 16.90 -11.05 4.97
C ALA B 192 15.68 -11.73 4.35
N ASP B 193 15.68 -13.07 4.37
CA ASP B 193 14.48 -13.83 4.10
C ASP B 193 13.51 -13.69 5.26
N VAL B 194 12.21 -13.84 4.95
CA VAL B 194 11.15 -13.91 5.94
C VAL B 194 10.36 -15.20 5.68
N VAL B 195 10.20 -16.01 6.72
CA VAL B 195 9.61 -17.34 6.64
C VAL B 195 8.43 -17.37 7.58
N LEU B 196 7.21 -17.54 7.05
CA LEU B 196 6.01 -17.38 7.86
C LEU B 196 5.06 -18.54 7.62
N ASN B 197 4.26 -18.82 8.65
CA ASN B 197 3.28 -19.91 8.64
C ASN B 197 1.89 -19.35 8.37
N PHE B 198 1.13 -20.04 7.50
CA PHE B 198 -0.19 -19.57 7.11
C PHE B 198 -1.20 -20.71 7.03
N GLY B 199 -2.40 -20.45 7.54
CA GLY B 199 -3.57 -21.15 7.04
C GLY B 199 -3.86 -20.69 5.61
N ALA B 200 -4.12 -21.63 4.74
CA ALA B 200 -4.33 -21.34 3.35
C ALA B 200 -5.72 -21.40 2.80
N ARG B 201 -6.70 -21.15 3.62
CA ARG B 201 -8.06 -21.16 3.19
C ARG B 201 -8.37 -20.17 2.12
N VAL B 202 -7.63 -19.10 2.06
CA VAL B 202 -7.88 -18.09 1.07
C VAL B 202 -7.16 -18.38 -0.20
N GLY B 203 -6.41 -19.43 -0.24
CA GLY B 203 -5.72 -19.82 -1.46
C GLY B 203 -4.29 -19.28 -1.52
N SER B 204 -3.47 -19.96 -2.32
CA SER B 204 -2.07 -19.56 -2.42
C SER B 204 -1.85 -18.36 -3.33
N ALA B 205 -2.77 -18.04 -4.23
CA ALA B 205 -2.59 -16.82 -5.02
C ALA B 205 -2.60 -15.59 -4.13
N VAL B 206 -3.47 -15.58 -3.12
CA VAL B 206 -3.56 -14.46 -2.19
C VAL B 206 -2.35 -14.42 -1.28
N LEU B 207 -1.96 -15.57 -0.71
CA LEU B 207 -0.78 -15.63 0.16
C LEU B 207 0.46 -15.18 -0.59
N PHE B 208 0.59 -15.54 -1.82
CA PHE B 208 1.70 -15.15 -2.53
C PHE B 208 1.63 -13.68 -2.80
N GLU B 209 0.41 -13.16 -2.92
CA GLU B 209 0.21 -11.75 -3.19
C GLU B 209 0.68 -10.88 -2.03
N LEU B 210 0.50 -11.38 -0.82
CA LEU B 210 0.89 -10.66 0.35
C LEU B 210 2.39 -10.43 0.30
N PHE B 211 3.16 -11.35 -0.19
CA PHE B 211 4.59 -11.09 -0.32
C PHE B 211 4.90 -10.21 -1.51
N GLU B 212 4.33 -10.53 -2.67
CA GLU B 212 4.61 -9.78 -3.88
C GLU B 212 4.24 -8.31 -3.71
N ALA B 213 3.13 -8.03 -3.01
CA ALA B 213 2.73 -6.65 -2.79
C ALA B 213 3.74 -5.89 -1.93
N ASN B 214 4.64 -6.61 -1.22
CA ASN B 214 5.45 -5.96 -0.21
C ASN B 214 6.94 -6.20 -0.39
N GLY B 215 7.40 -6.45 -1.63
CA GLY B 215 8.81 -6.45 -1.90
C GLY B 215 9.52 -7.79 -1.85
N TYR B 216 8.77 -8.91 -1.76
CA TYR B 216 9.35 -10.24 -1.57
C TYR B 216 8.82 -11.22 -2.61
N VAL B 217 9.72 -12.02 -3.16
CA VAL B 217 9.36 -13.15 -4.02
C VAL B 217 9.00 -14.33 -3.13
N PRO B 218 7.82 -14.87 -3.22
CA PRO B 218 7.45 -15.99 -2.37
C PRO B 218 7.73 -17.37 -2.91
N GLU B 219 7.95 -18.29 -2.01
CA GLU B 219 8.18 -19.67 -2.35
C GLU B 219 7.59 -20.52 -1.30
N LYS B 220 6.77 -21.47 -1.65
CA LYS B 220 6.18 -22.35 -0.69
C LYS B 220 7.18 -23.43 -0.39
N LEU B 221 7.55 -23.53 0.87
CA LEU B 221 8.53 -24.49 1.35
C LEU B 221 7.90 -25.83 1.67
N HIS B 222 6.73 -25.81 2.30
CA HIS B 222 6.10 -27.05 2.75
C HIS B 222 4.63 -26.77 3.07
N SER B 223 3.77 -27.75 2.85
CA SER B 223 2.37 -27.65 3.17
C SER B 223 1.83 -28.95 3.68
N GLN B 224 0.72 -28.91 4.35
CA GLN B 224 0.09 -30.08 4.88
C GLN B 224 -1.39 -29.91 5.00
N ILE B 225 -2.15 -30.97 4.92
CA ILE B 225 -3.57 -30.88 5.09
C ILE B 225 -3.78 -31.14 6.53
N VAL B 226 -4.61 -30.36 7.17
CA VAL B 226 -4.84 -30.45 8.58
C VAL B 226 -6.30 -30.39 8.83
N LEU B 227 -6.71 -30.91 9.95
CA LEU B 227 -8.08 -30.97 10.30
C LEU B 227 -8.32 -29.98 11.33
N GLN B 228 -9.45 -29.33 11.28
CA GLN B 228 -9.75 -28.33 12.25
C GLN B 228 -10.69 -28.80 13.26
N HIS B 229 -10.62 -28.23 14.44
CA HIS B 229 -11.48 -28.62 15.53
C HIS B 229 -12.90 -28.60 15.05
N ALA B 230 -13.79 -29.21 15.80
CA ALA B 230 -15.18 -29.27 15.39
C ALA B 230 -15.86 -28.00 15.82
N GLY B 231 -15.20 -27.27 16.66
CA GLY B 231 -15.74 -25.99 17.07
C GLY B 231 -15.34 -24.79 16.24
N THR B 232 -14.55 -24.98 15.18
CA THR B 232 -13.98 -23.87 14.44
C THR B 232 -15.07 -23.08 13.72
N ASP B 233 -14.97 -21.78 13.76
CA ASP B 233 -15.92 -20.94 13.10
C ASP B 233 -15.35 -20.56 11.78
N ILE B 234 -16.18 -20.51 10.76
CA ILE B 234 -15.72 -20.14 9.46
C ILE B 234 -16.56 -19.16 8.70
N SER B 235 -17.43 -18.44 9.38
CA SER B 235 -18.27 -17.47 8.73
C SER B 235 -17.44 -16.57 7.94
N PHE B 236 -16.34 -16.14 8.53
CA PHE B 236 -15.44 -15.22 7.91
C PHE B 236 -15.10 -15.69 6.55
N PHE B 237 -14.97 -16.97 6.39
CA PHE B 237 -14.59 -17.49 5.11
C PHE B 237 -15.72 -17.60 4.18
N VAL B 238 -16.95 -17.70 4.68
CA VAL B 238 -18.05 -17.76 3.76
C VAL B 238 -18.32 -16.36 3.33
N ALA B 239 -18.20 -15.44 4.24
CA ALA B 239 -18.40 -14.06 3.89
C ALA B 239 -17.40 -13.60 2.87
N LEU B 240 -16.27 -14.23 2.81
CA LEU B 240 -15.22 -13.84 1.88
C LEU B 240 -15.64 -14.07 0.44
N GLU B 241 -16.14 -15.28 0.13
CA GLU B 241 -16.55 -15.64 -1.21
C GLU B 241 -17.90 -15.05 -1.60
N ASN B 242 -18.64 -14.54 -0.64
CA ASN B 242 -19.92 -13.91 -0.87
C ASN B 242 -19.74 -12.42 -0.92
N ALA B 243 -18.53 -11.97 -0.70
CA ALA B 243 -18.30 -10.57 -0.69
C ALA B 243 -18.08 -10.03 -2.06
N LEU B 244 -18.63 -8.85 -2.25
CA LEU B 244 -18.51 -8.13 -3.46
C LEU B 244 -17.06 -7.76 -3.42
N ALA B 245 -16.52 -7.29 -4.53
CA ALA B 245 -15.13 -6.94 -4.57
C ALA B 245 -14.76 -5.85 -3.54
N GLN B 246 -14.52 -4.66 -4.06
CA GLN B 246 -14.17 -3.47 -3.32
C GLN B 246 -14.29 -2.32 -4.31
N THR B 247 -14.29 -2.65 -5.59
CA THR B 247 -14.42 -1.76 -6.67
C THR B 247 -15.63 -0.90 -6.41
N GLY B 248 -16.81 -1.52 -6.28
CA GLY B 248 -16.99 -2.95 -6.39
C GLY B 248 -17.89 -3.60 -7.47
N LEU B 249 -17.39 -4.66 -8.10
CA LEU B 249 -18.07 -5.45 -9.14
C LEU B 249 -17.68 -6.96 -9.08
N GLU B 250 -18.68 -7.82 -9.20
CA GLU B 250 -18.49 -9.26 -9.22
C GLU B 250 -17.70 -9.86 -8.07
N ARG B 251 -17.29 -11.10 -8.30
CA ARG B 251 -16.43 -11.94 -7.48
C ARG B 251 -16.93 -13.35 -7.28
N GLU B 252 -16.56 -14.23 -8.21
CA GLU B 252 -16.90 -15.65 -8.13
C GLU B 252 -15.68 -16.40 -7.63
N PHE B 253 -15.18 -15.93 -6.51
CA PHE B 253 -14.00 -16.55 -5.89
C PHE B 253 -14.44 -17.54 -4.82
N THR B 254 -13.55 -18.49 -4.53
CA THR B 254 -13.89 -19.58 -3.62
C THR B 254 -12.73 -19.94 -2.69
N CYS B 255 -13.06 -20.19 -1.43
CA CYS B 255 -12.07 -20.56 -0.45
C CYS B 255 -11.64 -22.01 -0.71
N GLU B 256 -10.60 -22.45 0.01
CA GLU B 256 -10.04 -23.77 -0.22
C GLU B 256 -10.18 -24.59 1.06
N PHE B 257 -11.08 -25.59 0.99
CA PHE B 257 -11.24 -26.60 2.01
C PHE B 257 -11.19 -27.96 1.34
N TYR B 258 -11.14 -28.99 2.16
CA TYR B 258 -11.07 -30.35 1.67
C TYR B 258 -11.93 -31.23 2.56
N GLY B 259 -12.44 -32.31 1.97
CA GLY B 259 -13.31 -33.23 2.66
C GLY B 259 -12.56 -34.40 3.29
N ASP B 260 -11.42 -34.76 2.69
CA ASP B 260 -10.58 -35.88 3.12
C ASP B 260 -9.23 -35.38 3.65
N PRO B 261 -8.59 -36.12 4.53
CA PRO B 261 -7.32 -35.68 5.04
C PRO B 261 -6.24 -35.81 4.03
N GLU B 262 -6.59 -36.17 2.83
CA GLU B 262 -5.61 -36.28 1.79
C GLU B 262 -5.71 -35.13 0.85
N GLY B 263 -6.75 -34.35 1.00
CA GLY B 263 -6.96 -33.23 0.14
C GLY B 263 -7.33 -33.58 -1.27
N ALA B 264 -8.15 -34.60 -1.36
CA ALA B 264 -8.67 -35.09 -2.58
C ALA B 264 -9.96 -34.43 -2.95
N THR B 265 -10.81 -34.22 -1.98
CA THR B 265 -12.08 -33.61 -2.22
C THR B 265 -12.17 -32.17 -1.78
N ARG B 266 -12.15 -31.27 -2.74
CA ARG B 266 -12.23 -29.86 -2.50
C ARG B 266 -13.57 -29.42 -2.13
N LEU B 267 -13.64 -28.46 -1.27
CA LEU B 267 -14.88 -27.83 -0.84
C LEU B 267 -14.68 -26.32 -0.83
N SER B 268 -15.76 -25.61 -1.09
CA SER B 268 -15.80 -24.20 -0.80
C SER B 268 -16.06 -23.99 0.68
N ALA B 269 -15.96 -22.73 1.11
CA ALA B 269 -16.32 -22.41 2.48
C ALA B 269 -17.81 -22.60 2.71
N THR B 270 -18.64 -22.15 1.76
CA THR B 270 -20.07 -22.40 1.84
C THR B 270 -20.35 -23.90 1.83
N GLU B 271 -19.81 -24.61 0.87
CA GLU B 271 -20.00 -26.01 0.87
C GLU B 271 -19.65 -26.56 2.23
N ALA B 272 -18.44 -26.36 2.69
CA ALA B 272 -18.01 -26.89 3.95
C ALA B 272 -18.89 -26.48 5.08
N GLN B 273 -19.35 -25.27 5.05
CA GLN B 273 -20.15 -24.78 6.12
C GLN B 273 -21.47 -25.56 6.17
N ALA B 274 -21.77 -26.20 5.07
CA ALA B 274 -22.97 -26.95 4.96
C ALA B 274 -22.84 -28.27 5.63
N LEU B 275 -21.83 -29.01 5.23
CA LEU B 275 -21.61 -30.30 5.79
C LEU B 275 -21.65 -30.30 7.27
N VAL B 276 -21.56 -29.14 7.88
CA VAL B 276 -21.59 -29.08 9.32
C VAL B 276 -22.92 -28.71 9.83
N ASP B 277 -23.80 -28.32 8.92
CA ASP B 277 -25.14 -27.98 9.28
C ASP B 277 -25.85 -29.28 9.14
N THR B 278 -25.28 -30.14 8.34
CA THR B 278 -25.83 -31.45 8.14
C THR B 278 -25.38 -32.23 9.34
N ASP B 279 -24.08 -32.22 9.61
CA ASP B 279 -23.50 -32.96 10.72
C ASP B 279 -22.48 -32.21 11.52
N SER B 280 -22.88 -31.82 12.73
CA SER B 280 -22.08 -31.08 13.66
C SER B 280 -20.71 -31.60 13.97
N ALA B 281 -20.45 -32.83 13.61
CA ALA B 281 -19.16 -33.42 13.90
C ALA B 281 -18.59 -33.88 12.61
N ALA B 282 -18.78 -33.09 11.60
CA ALA B 282 -18.29 -33.46 10.28
C ALA B 282 -16.84 -33.08 10.29
N GLU B 283 -16.02 -33.85 9.62
CA GLU B 283 -14.62 -33.61 9.64
C GLU B 283 -14.29 -32.68 8.50
N ILE B 284 -13.70 -31.53 8.81
CA ILE B 284 -13.32 -30.51 7.83
C ILE B 284 -11.84 -30.21 7.78
N TYR B 285 -11.26 -30.28 6.61
CA TYR B 285 -9.85 -30.04 6.43
C TYR B 285 -9.45 -28.80 5.63
N HIS B 286 -8.29 -28.24 5.93
CA HIS B 286 -7.68 -27.15 5.18
C HIS B 286 -6.16 -27.31 5.18
N GLU B 287 -5.52 -26.50 4.35
CA GLU B 287 -4.08 -26.53 4.25
C GLU B 287 -3.47 -25.52 5.23
N VAL B 288 -2.33 -25.89 5.80
CA VAL B 288 -1.41 -24.99 6.48
C VAL B 288 -0.11 -25.06 5.70
N CYS B 289 0.55 -23.93 5.52
CA CYS B 289 1.78 -23.99 4.73
C CYS B 289 2.76 -22.90 5.16
N VAL B 290 4.02 -23.16 4.85
CA VAL B 290 5.13 -22.30 5.23
C VAL B 290 5.63 -21.65 3.96
N ILE B 291 5.68 -20.32 3.93
CA ILE B 291 6.10 -19.58 2.75
C ILE B 291 7.27 -18.70 3.12
N ARG B 292 8.29 -18.73 2.28
CA ARG B 292 9.46 -17.88 2.42
C ARG B 292 9.36 -16.74 1.42
N GLY B 293 9.54 -15.51 1.91
CA GLY B 293 9.71 -14.36 1.06
C GLY B 293 11.17 -13.97 1.01
N ARG B 294 11.68 -13.86 -0.20
CA ARG B 294 13.07 -13.54 -0.46
C ARG B 294 13.13 -12.21 -1.18
N PRO B 295 13.84 -11.20 -0.67
CA PRO B 295 13.93 -9.92 -1.37
C PRO B 295 14.74 -10.06 -2.65
N ALA B 296 14.58 -9.09 -3.54
CA ALA B 296 15.23 -9.09 -4.86
C ALA B 296 16.77 -9.06 -4.88
N ALA C 13 14.52 27.19 26.13
CA ALA C 13 13.71 28.00 25.20
C ALA C 13 12.52 28.60 25.91
N PRO C 14 12.33 29.90 25.70
CA PRO C 14 11.41 30.64 26.57
C PRO C 14 9.95 30.35 26.25
N GLU C 15 9.16 30.28 27.32
CA GLU C 15 7.73 30.05 27.21
C GLU C 15 7.04 30.98 26.22
N PHE C 16 7.46 32.24 26.14
CA PHE C 16 6.75 33.21 25.30
C PHE C 16 6.72 32.82 23.84
N ALA C 17 7.67 32.00 23.37
CA ALA C 17 7.77 31.74 21.94
C ALA C 17 6.63 30.85 21.44
N PHE C 18 6.17 29.90 22.25
CA PHE C 18 5.16 28.95 21.79
C PHE C 18 3.80 29.64 21.65
N ASP C 19 3.12 29.37 20.54
CA ASP C 19 1.84 29.97 20.16
C ASP C 19 0.86 29.97 21.33
N PRO C 20 0.50 31.14 21.86
CA PRO C 20 -0.44 31.20 22.98
C PRO C 20 -1.90 31.21 22.57
N THR C 21 -2.21 31.31 21.27
CA THR C 21 -3.61 31.38 20.84
C THR C 21 -4.18 30.06 20.34
N ASP C 22 -3.32 29.06 20.08
CA ASP C 22 -3.77 27.86 19.37
C ASP C 22 -3.06 26.61 19.90
N PRO C 23 -3.77 25.78 20.65
CA PRO C 23 -3.15 24.57 21.22
C PRO C 23 -2.55 23.61 20.20
N TRP C 24 -3.13 23.51 19.00
CA TRP C 24 -2.54 22.61 18.01
C TRP C 24 -1.18 23.11 17.56
N THR C 25 -1.05 24.41 17.29
CA THR C 25 0.21 25.00 16.87
C THR C 25 1.20 25.08 18.03
N GLU C 26 0.71 25.32 19.23
CA GLU C 26 1.59 25.30 20.39
C GLU C 26 2.21 23.92 20.58
N THR C 27 1.39 22.87 20.43
CA THR C 27 1.89 21.51 20.55
C THR C 27 2.97 21.25 19.50
N PHE C 28 2.69 21.64 18.25
CA PHE C 28 3.62 21.46 17.15
C PHE C 28 4.97 22.11 17.47
N GLN C 29 4.93 23.35 17.98
CA GLN C 29 6.14 24.13 18.19
C GLN C 29 6.96 23.61 19.35
N ARG C 30 6.31 23.30 20.48
CA ARG C 30 7.03 22.61 21.55
C ARG C 30 7.68 21.32 21.06
N GLY C 31 7.05 20.64 20.10
CA GLY C 31 7.61 19.40 19.59
C GLY C 31 8.78 19.63 18.67
N LEU C 32 8.69 20.70 17.85
CA LEU C 32 9.79 21.03 16.94
C LEU C 32 11.04 21.44 17.72
N GLU C 33 10.87 22.21 18.80
CA GLU C 33 12.01 22.57 19.61
C GLU C 33 12.68 21.34 20.18
N ILE C 34 11.87 20.41 20.71
CA ILE C 34 12.39 19.13 21.22
C ILE C 34 13.02 18.29 20.12
N ALA C 35 12.61 18.46 18.86
CA ALA C 35 13.20 17.67 17.78
C ALA C 35 14.69 17.95 17.62
N GLY C 36 15.19 19.09 18.08
CA GLY C 36 16.58 19.43 17.87
C GLY C 36 16.89 19.75 16.43
N LEU C 37 16.38 20.87 15.93
CA LEU C 37 16.56 21.29 14.55
C LEU C 37 17.78 22.18 14.36
N GLY C 38 18.49 22.47 15.41
CA GLY C 38 19.62 23.33 15.31
C GLY C 38 20.63 22.92 14.32
N GLY C 39 20.93 23.81 13.41
CA GLY C 39 21.90 23.54 12.40
C GLY C 39 21.45 22.69 11.27
N LYS C 40 20.21 22.25 11.30
CA LYS C 40 19.67 21.41 10.25
C LYS C 40 19.03 22.19 9.16
N ARG C 41 18.86 21.54 8.04
CA ARG C 41 18.24 22.11 6.90
C ARG C 41 16.85 21.48 6.87
N VAL C 42 15.83 22.29 7.09
CA VAL C 42 14.44 21.88 7.22
C VAL C 42 13.46 22.22 6.11
N TYR C 43 12.41 21.40 5.93
CA TYR C 43 11.41 21.65 4.90
C TYR C 43 10.03 21.49 5.51
N GLU C 44 9.20 22.54 5.41
CA GLU C 44 7.85 22.51 5.96
C GLU C 44 6.83 22.35 4.83
N VAL C 45 6.01 21.31 4.93
CA VAL C 45 4.85 21.13 4.05
C VAL C 45 3.72 22.00 4.59
N GLY C 46 3.27 22.97 3.80
CA GLY C 46 2.22 23.88 4.22
C GLY C 46 2.75 25.01 5.10
N ILE C 47 3.58 25.90 4.53
CA ILE C 47 4.16 26.96 5.36
C ILE C 47 3.10 27.95 5.81
N GLY C 48 2.04 28.14 5.03
CA GLY C 48 1.01 29.09 5.44
C GLY C 48 1.58 30.51 5.45
N THR C 49 1.35 31.23 6.54
CA THR C 49 1.87 32.58 6.68
C THR C 49 3.26 32.63 7.29
N GLY C 50 3.94 31.50 7.42
CA GLY C 50 5.36 31.50 7.73
C GLY C 50 5.73 31.61 9.21
N ILE C 51 4.75 31.69 10.11
CA ILE C 51 5.03 31.79 11.54
C ILE C 51 5.88 30.60 12.00
N ASN C 52 5.53 29.37 11.57
CA ASN C 52 6.37 28.23 11.96
C ASN C 52 7.77 28.36 11.39
N VAL C 53 7.90 29.00 10.22
CA VAL C 53 9.25 29.25 9.69
C VAL C 53 10.00 30.18 10.61
N ALA C 54 9.34 31.29 11.00
CA ALA C 54 9.93 32.23 11.95
C ALA C 54 10.33 31.53 13.24
N PHE C 55 9.44 30.68 13.76
CA PHE C 55 9.73 29.97 15.01
C PHE C 55 10.91 29.04 14.86
N MET C 56 11.05 28.39 13.70
CA MET C 56 12.14 27.42 13.57
C MET C 56 13.48 28.10 13.35
N LEU C 57 13.49 29.20 12.59
CA LEU C 57 14.71 29.97 12.40
C LEU C 57 15.14 30.66 13.70
N GLN C 58 14.20 31.35 14.36
CA GLN C 58 14.54 32.20 15.49
C GLN C 58 14.72 31.38 16.77
N ILE C 59 13.82 30.42 17.03
CA ILE C 59 13.88 29.67 18.28
C ILE C 59 14.65 28.36 18.12
N CYS C 60 14.44 27.65 17.06
CA CYS C 60 15.07 26.39 16.89
C CYS C 60 16.40 26.48 16.29
N GLU C 61 16.75 27.61 15.73
CA GLU C 61 18.06 27.79 15.21
C GLU C 61 18.42 26.94 14.03
N ALA C 62 17.51 26.76 13.12
CA ALA C 62 17.75 25.98 11.96
C ALA C 62 18.73 26.64 11.08
N ALA C 63 19.54 25.90 10.40
CA ALA C 63 20.49 26.49 9.48
C ALA C 63 19.80 27.01 8.23
N LEU C 64 18.72 26.37 7.82
CA LEU C 64 18.10 26.66 6.53
C LEU C 64 16.68 26.10 6.57
N VAL C 65 15.71 26.92 6.19
CA VAL C 65 14.32 26.47 6.16
C VAL C 65 13.78 26.75 4.77
N SER C 66 13.23 25.72 4.13
CA SER C 66 12.49 25.83 2.90
C SER C 66 11.07 25.34 3.13
N GLY C 67 10.29 25.25 2.08
CA GLY C 67 8.94 24.72 2.19
C GLY C 67 8.04 25.27 1.11
N SER C 68 6.76 24.93 1.23
CA SER C 68 5.81 25.26 0.16
C SER C 68 4.40 25.17 0.71
N ASP C 69 3.45 25.57 -0.14
CA ASP C 69 2.06 25.56 0.25
C ASP C 69 1.23 25.32 -1.01
N LEU C 70 -0.03 24.91 -0.82
CA LEU C 70 -0.92 24.69 -1.96
C LEU C 70 -1.42 26.02 -2.52
N ASP C 71 -1.81 26.93 -1.65
CA ASP C 71 -2.15 28.29 -2.03
C ASP C 71 -0.91 29.04 -2.52
N PRO C 72 -0.81 29.38 -3.76
CA PRO C 72 0.39 30.00 -4.29
C PRO C 72 0.72 31.40 -3.84
N ARG C 73 -0.14 31.98 -3.07
CA ARG C 73 0.08 33.29 -2.56
C ARG C 73 0.79 33.27 -1.24
N LEU C 74 0.79 32.16 -0.57
CA LEU C 74 1.23 32.14 0.82
C LEU C 74 2.74 32.23 0.98
N ALA C 75 3.52 31.67 0.03
CA ALA C 75 4.97 31.75 0.13
C ALA C 75 5.45 33.20 0.14
N GLY C 76 4.81 34.06 -0.64
CA GLY C 76 5.18 35.47 -0.65
C GLY C 76 4.77 36.18 0.62
N LEU C 77 3.61 35.82 1.17
CA LEU C 77 3.20 36.41 2.44
C LEU C 77 4.02 35.86 3.60
N ALA C 78 4.47 34.60 3.48
CA ALA C 78 5.34 34.04 4.50
C ALA C 78 6.71 34.71 4.51
N GLU C 79 7.20 35.13 3.34
CA GLU C 79 8.48 35.83 3.31
C GLU C 79 8.39 37.14 4.10
N ARG C 80 7.34 37.93 3.85
CA ARG C 80 7.22 39.20 4.57
C ARG C 80 7.07 38.98 6.06
N ASN C 81 6.26 37.99 6.47
CA ASN C 81 6.13 37.69 7.90
C ASN C 81 7.47 37.25 8.49
N VAL C 82 8.30 36.53 7.74
CA VAL C 82 9.58 36.10 8.30
C VAL C 82 10.56 37.27 8.32
N ARG C 83 10.48 38.13 7.29
CA ARG C 83 11.30 39.33 7.26
C ARG C 83 11.00 40.23 8.46
N ASP C 84 9.73 40.31 8.86
CA ASP C 84 9.31 41.18 9.95
C ASP C 84 9.44 40.55 11.33
N LEU C 85 9.51 39.22 11.43
CA LEU C 85 9.49 38.54 12.72
C LEU C 85 10.83 37.91 13.11
N ALA C 86 11.66 37.54 12.13
CA ALA C 86 13.02 37.07 12.39
C ALA C 86 13.95 37.73 11.39
N PRO C 87 14.11 39.06 11.49
CA PRO C 87 14.91 39.78 10.48
C PRO C 87 16.34 39.33 10.41
N ARG C 88 16.92 38.88 11.53
CA ARG C 88 18.32 38.44 11.54
C ARG C 88 18.50 37.06 10.93
N ARG C 89 17.41 36.30 10.77
CA ARG C 89 17.46 34.98 10.16
C ARG C 89 16.81 34.92 8.80
N ALA C 90 16.20 36.02 8.34
CA ALA C 90 15.35 35.95 7.15
C ALA C 90 16.11 35.44 5.94
N ASP C 91 17.41 35.70 5.86
CA ASP C 91 18.22 35.22 4.74
C ASP C 91 18.32 33.70 4.70
N ARG C 92 17.95 32.99 5.77
CA ARG C 92 18.03 31.53 5.80
C ARG C 92 16.76 30.85 5.28
N PHE C 93 15.74 31.61 4.89
CA PHE C 93 14.45 31.09 4.47
C PHE C 93 14.32 31.18 2.96
N HIS C 94 14.18 30.03 2.31
CA HIS C 94 14.10 29.95 0.85
C HIS C 94 12.88 29.14 0.46
N PRO C 95 11.68 29.74 0.54
CA PRO C 95 10.47 29.00 0.14
C PRO C 95 10.52 28.57 -1.31
N VAL C 96 9.77 27.54 -1.63
CA VAL C 96 9.58 27.08 -2.97
C VAL C 96 8.31 27.78 -3.43
N GLU C 97 8.30 28.30 -4.65
CA GLU C 97 7.15 29.00 -5.16
C GLU C 97 6.12 28.23 -5.93
N GLY C 98 4.94 28.78 -5.99
CA GLY C 98 3.86 28.20 -6.74
C GLY C 98 2.93 27.35 -5.96
N ALA C 99 1.91 26.85 -6.61
CA ALA C 99 1.00 25.94 -5.95
C ALA C 99 1.68 24.57 -5.82
N VAL C 100 1.87 24.11 -4.60
CA VAL C 100 2.56 22.86 -4.35
C VAL C 100 1.63 21.98 -3.52
N SER C 101 1.17 20.90 -4.13
CA SER C 101 0.41 19.89 -3.41
C SER C 101 1.44 18.93 -2.82
N LEU C 102 1.44 18.81 -1.49
CA LEU C 102 2.46 18.06 -0.76
C LEU C 102 3.81 18.58 -1.26
N ILE C 103 4.61 17.74 -1.92
CA ILE C 103 5.89 18.20 -2.47
C ILE C 103 5.99 17.98 -3.98
N ASP C 104 4.87 18.04 -4.67
CA ASP C 104 4.78 17.45 -6.01
C ASP C 104 5.19 18.41 -7.14
N THR C 105 6.33 19.09 -7.00
CA THR C 105 6.95 19.78 -8.12
C THR C 105 8.43 19.42 -8.11
N PRO C 106 9.09 19.49 -9.27
CA PRO C 106 10.54 19.19 -9.27
C PRO C 106 11.34 20.09 -8.33
N GLU C 107 10.93 21.34 -8.13
CA GLU C 107 11.69 22.20 -7.23
C GLU C 107 11.45 21.81 -5.77
N ALA C 108 10.21 21.45 -5.43
CA ALA C 108 9.94 21.02 -4.06
C ALA C 108 10.60 19.67 -3.76
N ARG C 109 10.57 18.74 -4.71
CA ARG C 109 11.29 17.48 -4.55
C ARG C 109 12.79 17.69 -4.41
N ALA C 110 13.35 18.62 -5.19
CA ALA C 110 14.79 18.85 -5.12
C ALA C 110 15.18 19.42 -3.76
N GLN C 111 14.35 20.31 -3.23
CA GLN C 111 14.62 20.88 -1.90
C GLN C 111 14.44 19.82 -0.82
N VAL C 112 13.34 19.06 -0.91
CA VAL C 112 13.08 18.03 0.10
C VAL C 112 14.25 17.05 0.15
N GLY C 113 14.78 16.68 -1.01
CA GLY C 113 15.87 15.72 -1.09
C GLY C 113 17.16 16.21 -0.48
N ARG C 114 17.34 17.52 -0.33
CA ARG C 114 18.49 18.10 0.36
C ARG C 114 18.23 18.35 1.83
N SER C 115 17.04 18.05 2.34
CA SER C 115 16.67 18.40 3.70
C SER C 115 17.08 17.30 4.70
N ASP C 116 17.39 17.72 5.92
CA ASP C 116 17.62 16.79 7.01
C ASP C 116 16.32 16.37 7.67
N VAL C 117 15.35 17.28 7.71
CA VAL C 117 14.08 17.08 8.43
C VAL C 117 12.95 17.63 7.57
N ILE C 118 11.86 16.86 7.47
CA ILE C 118 10.62 17.31 6.86
C ILE C 118 9.57 17.49 7.97
N VAL C 119 8.92 18.66 8.01
CA VAL C 119 7.98 18.93 9.09
C VAL C 119 6.64 19.34 8.50
N GLY C 120 5.59 19.14 9.29
CA GLY C 120 4.26 19.52 8.85
C GLY C 120 3.17 19.31 9.88
N CYS C 121 2.17 20.22 9.90
CA CYS C 121 0.89 19.97 10.56
C CYS C 121 -0.14 19.93 9.44
N LEU C 122 -0.43 18.71 8.96
CA LEU C 122 -1.18 18.52 7.73
C LEU C 122 -2.68 18.40 7.99
N PRO C 123 -3.50 18.79 7.02
CA PRO C 123 -4.94 18.50 7.09
C PRO C 123 -5.22 17.05 7.49
N GLN C 124 -6.25 16.85 8.31
CA GLN C 124 -6.55 15.52 8.83
C GLN C 124 -7.92 15.56 9.49
N VAL C 125 -8.64 14.43 9.42
CA VAL C 125 -9.92 14.33 10.11
C VAL C 125 -9.66 14.48 11.60
N GLY C 126 -10.46 15.31 12.26
CA GLY C 126 -10.22 15.67 13.63
C GLY C 126 -9.54 17.01 13.83
N GLU C 127 -9.02 17.62 12.78
CA GLU C 127 -8.52 18.99 12.88
C GLU C 127 -9.66 19.90 13.35
N PRO C 128 -9.35 21.02 13.99
CA PRO C 128 -10.42 21.96 14.39
C PRO C 128 -11.37 22.28 13.24
N ASP C 129 -12.67 22.32 13.54
CA ASP C 129 -13.66 22.50 12.48
C ASP C 129 -13.53 23.84 11.77
N ASP C 130 -12.91 24.84 12.40
CA ASP C 130 -12.82 26.16 11.78
C ASP C 130 -11.50 26.43 11.05
N VAL C 131 -10.63 25.43 10.83
CA VAL C 131 -9.32 25.74 10.25
C VAL C 131 -9.46 26.25 8.82
N ARG C 132 -10.38 25.68 8.04
CA ARG C 132 -10.51 26.12 6.66
C ARG C 132 -11.02 27.57 6.57
N LEU C 133 -11.87 28.00 7.50
CA LEU C 133 -12.31 29.39 7.47
C LEU C 133 -11.21 30.34 7.93
N ARG C 134 -10.40 29.91 8.90
CA ARG C 134 -9.22 30.69 9.29
C ARG C 134 -8.31 30.89 8.10
N ALA C 135 -7.89 29.81 7.45
CA ALA C 135 -6.96 29.94 6.34
C ALA C 135 -7.52 30.88 5.28
N PHE C 136 -8.83 30.81 5.04
CA PHE C 136 -9.44 31.68 4.04
C PHE C 136 -9.41 33.15 4.48
N ARG C 137 -9.81 33.44 5.74
CA ARG C 137 -9.80 34.82 6.20
C ARG C 137 -8.37 35.33 6.36
N THR C 138 -7.50 34.44 6.73
CA THR C 138 -6.12 34.75 6.91
C THR C 138 -5.50 35.06 5.57
N ALA C 139 -5.95 34.46 4.49
CA ALA C 139 -5.38 34.77 3.19
C ALA C 139 -5.69 36.19 2.90
N GLN C 140 -6.95 36.42 2.64
CA GLN C 140 -7.54 37.69 2.41
C GLN C 140 -6.95 38.84 3.17
N ALA C 141 -6.75 38.71 4.46
CA ALA C 141 -6.25 39.81 5.22
C ALA C 141 -4.85 40.06 4.85
N ALA C 142 -4.01 39.07 5.11
CA ALA C 142 -2.64 39.18 4.79
C ALA C 142 -2.47 39.58 3.36
N ALA C 143 -3.39 39.21 2.47
CA ALA C 143 -3.23 39.60 1.09
C ALA C 143 -3.09 41.10 0.93
N LEU C 144 -3.19 41.84 2.02
CA LEU C 144 -3.04 43.29 1.95
C LEU C 144 -2.30 43.77 3.17
N ALA C 145 -1.03 44.15 3.07
CA ALA C 145 -0.25 44.15 1.85
C ALA C 145 -0.96 44.75 0.68
N ALA C 146 -1.01 44.08 -0.46
CA ALA C 146 -1.65 44.63 -1.62
C ALA C 146 -2.34 43.63 -2.49
N GLY C 147 -3.18 44.16 -3.38
CA GLY C 147 -3.98 43.39 -4.31
C GLY C 147 -5.45 43.62 -4.00
N TYR C 159 -9.14 22.55 0.99
CA TYR C 159 -8.30 22.97 -0.09
C TYR C 159 -7.58 21.80 -0.73
N TYR C 160 -7.03 20.89 0.08
CA TYR C 160 -6.37 19.72 -0.47
C TYR C 160 -7.59 18.88 -0.78
N PRO C 161 -7.77 18.43 -1.98
CA PRO C 161 -8.96 17.66 -2.16
C PRO C 161 -8.81 16.41 -1.36
N TRP C 162 -9.82 15.66 -1.17
CA TRP C 162 -9.47 14.52 -0.43
C TRP C 162 -9.84 13.28 -1.16
N ALA C 163 -10.06 13.39 -2.43
CA ALA C 163 -10.45 12.29 -3.22
C ALA C 163 -9.32 11.44 -3.71
N GLU C 164 -8.16 12.01 -4.01
CA GLU C 164 -7.06 11.21 -4.49
C GLU C 164 -6.31 10.54 -3.38
N PHE C 165 -6.63 10.92 -2.18
CA PHE C 165 -6.05 10.37 -0.97
C PHE C 165 -6.97 9.47 -0.23
N ASP C 166 -8.13 9.22 -0.77
CA ASP C 166 -9.13 8.39 -0.15
C ASP C 166 -8.76 6.90 -0.18
N SER C 167 -7.87 6.49 -1.09
CA SER C 167 -7.52 5.08 -1.19
C SER C 167 -6.51 4.64 -0.12
N TYR C 168 -5.80 5.57 0.49
CA TYR C 168 -4.76 5.18 1.44
C TYR C 168 -5.35 4.34 2.57
N PRO C 169 -4.70 3.22 2.93
CA PRO C 169 -5.14 2.44 4.10
C PRO C 169 -5.37 3.26 5.36
N PHE C 170 -4.56 4.24 5.61
CA PHE C 170 -4.71 5.02 6.78
C PHE C 170 -5.74 6.09 6.73
N ASN C 171 -6.47 6.17 5.64
CA ASN C 171 -7.53 7.09 5.53
C ASN C 171 -8.65 6.52 6.30
N SER C 172 -8.67 5.25 6.49
CA SER C 172 -9.71 4.68 7.34
C SER C 172 -9.74 5.33 8.72
N VAL C 173 -8.61 5.88 9.19
CA VAL C 173 -8.57 6.62 10.44
C VAL C 173 -8.47 8.13 10.19
N GLY C 174 -8.68 8.57 8.94
CA GLY C 174 -8.61 9.98 8.59
C GLY C 174 -7.24 10.55 8.38
N LEU C 175 -6.21 9.71 8.24
CA LEU C 175 -4.83 10.18 8.10
C LEU C 175 -4.28 9.95 6.70
N GLY C 176 -5.15 9.95 5.70
CA GLY C 176 -4.74 9.55 4.36
C GLY C 176 -3.77 10.52 3.72
N LEU C 177 -4.00 11.83 3.91
CA LEU C 177 -3.06 12.83 3.41
C LEU C 177 -1.71 12.71 4.11
N ASN C 178 -1.71 12.40 5.40
CA ASN C 178 -0.43 12.19 6.09
C ASN C 178 0.32 11.01 5.50
N GLU C 179 -0.39 9.91 5.25
CA GLU C 179 0.28 8.74 4.69
C GLU C 179 0.79 9.04 3.28
N ALA C 180 0.04 9.83 2.52
CA ALA C 180 0.49 10.19 1.16
C ALA C 180 1.82 10.92 1.20
N LEU C 181 2.03 11.76 2.22
CA LEU C 181 3.33 12.42 2.36
C LEU C 181 4.41 11.40 2.66
N LEU C 182 4.13 10.43 3.56
CA LEU C 182 5.16 9.47 3.94
C LEU C 182 5.65 8.67 2.75
N ARG C 183 4.75 8.36 1.80
CA ARG C 183 5.21 7.68 0.59
C ARG C 183 6.12 8.58 -0.25
N ARG C 184 5.97 9.91 -0.14
CA ARG C 184 6.81 10.78 -0.96
C ARG C 184 8.15 11.07 -0.30
N THR C 185 8.15 11.27 0.99
CA THR C 185 9.37 11.54 1.67
C THR C 185 10.30 10.36 1.65
N ARG C 186 9.77 9.18 1.80
CA ARG C 186 10.56 8.00 1.79
C ARG C 186 11.26 7.77 0.49
N ALA C 187 10.64 8.15 -0.59
CA ALA C 187 11.22 7.96 -1.87
C ALA C 187 12.13 9.06 -2.24
N THR C 188 11.77 10.28 -1.96
CA THR C 188 12.54 11.44 -2.32
C THR C 188 13.65 11.80 -1.34
N ALA C 189 13.48 11.55 -0.06
CA ALA C 189 14.48 11.88 0.96
C ALA C 189 14.60 10.73 1.94
N PRO C 190 15.21 9.62 1.52
CA PRO C 190 15.12 8.38 2.31
C PRO C 190 15.84 8.44 3.65
N ALA C 191 16.72 9.41 3.88
CA ALA C 191 17.46 9.50 5.13
C ALA C 191 16.93 10.57 6.07
N ALA C 192 15.95 11.37 5.60
CA ALA C 192 15.46 12.51 6.36
C ALA C 192 14.48 12.07 7.44
N ASP C 193 14.56 12.70 8.61
CA ASP C 193 13.49 12.52 9.58
C ASP C 193 12.23 13.18 9.06
N VAL C 194 11.09 12.81 9.63
CA VAL C 194 9.81 13.40 9.26
C VAL C 194 9.03 13.63 10.55
N VAL C 195 8.66 14.89 10.82
CA VAL C 195 8.06 15.28 12.08
C VAL C 195 6.68 15.85 11.79
N LEU C 196 5.64 15.24 12.39
CA LEU C 196 4.26 15.50 12.04
C LEU C 196 3.42 15.71 13.29
N ASN C 197 2.45 16.62 13.19
CA ASN C 197 1.51 16.90 14.27
C ASN C 197 0.20 16.16 14.02
N PHE C 198 -0.34 15.56 15.07
CA PHE C 198 -1.55 14.75 14.97
C PHE C 198 -2.47 15.00 16.16
N GLY C 199 -3.77 14.93 15.90
CA GLY C 199 -4.73 14.68 16.99
C GLY C 199 -4.75 13.18 17.28
N ALA C 200 -4.71 12.83 18.57
CA ALA C 200 -4.48 11.43 18.95
C ALA C 200 -5.78 10.69 19.28
N ARG C 201 -6.92 11.20 18.84
CA ARG C 201 -8.18 10.58 19.20
C ARG C 201 -8.22 9.10 18.84
N VAL C 202 -7.58 8.72 17.73
CA VAL C 202 -7.57 7.33 17.30
C VAL C 202 -6.53 6.50 18.03
N GLY C 203 -5.80 7.10 18.98
CA GLY C 203 -4.85 6.37 19.85
C GLY C 203 -3.47 6.27 19.24
N SER C 204 -2.47 6.15 20.11
CA SER C 204 -1.08 6.21 19.65
C SER C 204 -0.64 4.95 18.91
N ALA C 205 -1.20 3.79 19.25
CA ALA C 205 -0.87 2.58 18.49
C ALA C 205 -1.16 2.77 17.00
N VAL C 206 -2.31 3.35 16.68
CA VAL C 206 -2.63 3.67 15.30
C VAL C 206 -1.67 4.72 14.73
N LEU C 207 -1.41 5.79 15.48
CA LEU C 207 -0.50 6.83 14.98
C LEU C 207 0.90 6.26 14.73
N PHE C 208 1.38 5.42 15.65
CA PHE C 208 2.69 4.79 15.45
C PHE C 208 2.68 3.86 14.25
N GLU C 209 1.57 3.14 14.04
CA GLU C 209 1.48 2.19 12.93
C GLU C 209 1.51 2.89 11.58
N LEU C 210 0.96 4.12 11.49
CA LEU C 210 1.08 4.89 10.27
C LEU C 210 2.54 5.03 9.85
N PHE C 211 3.44 5.21 10.82
CA PHE C 211 4.86 5.32 10.50
C PHE C 211 5.47 3.94 10.22
N GLU C 212 5.21 2.96 11.11
CA GLU C 212 5.82 1.65 10.93
C GLU C 212 5.42 1.02 9.61
N ALA C 213 4.18 1.27 9.17
CA ALA C 213 3.72 0.68 7.91
C ALA C 213 4.46 1.25 6.70
N ASN C 214 5.04 2.45 6.85
CA ASN C 214 5.59 3.20 5.74
C ASN C 214 7.09 3.43 5.88
N GLY C 215 7.79 2.61 6.67
CA GLY C 215 9.23 2.58 6.69
C GLY C 215 9.91 3.46 7.71
N TYR C 216 9.20 3.86 8.76
CA TYR C 216 9.68 4.85 9.73
C TYR C 216 9.50 4.32 11.14
N VAL C 217 10.49 4.54 11.98
CA VAL C 217 10.39 4.23 13.41
C VAL C 217 9.80 5.46 14.10
N PRO C 218 8.62 5.37 14.72
CA PRO C 218 8.04 6.55 15.38
C PRO C 218 8.55 6.73 16.80
N GLU C 219 8.79 7.99 17.15
CA GLU C 219 8.94 8.45 18.52
C GLU C 219 8.00 9.62 18.75
N LYS C 220 7.27 9.61 19.87
CA LYS C 220 6.44 10.74 20.25
C LYS C 220 7.30 11.79 20.94
N LEU C 221 7.45 12.96 20.31
CA LEU C 221 8.33 14.01 20.84
C LEU C 221 7.67 14.83 21.93
N HIS C 222 6.38 15.10 21.81
CA HIS C 222 5.70 15.95 22.78
C HIS C 222 4.20 15.74 22.60
N SER C 223 3.43 15.96 23.66
CA SER C 223 1.98 15.82 23.60
C SER C 223 1.32 16.71 24.64
N GLN C 224 0.13 17.22 24.30
CA GLN C 224 -0.67 18.06 25.18
C GLN C 224 -2.12 17.63 25.13
N ILE C 225 -2.87 18.07 26.14
CA ILE C 225 -4.31 17.87 26.19
C ILE C 225 -4.98 19.19 25.85
N VAL C 226 -5.75 19.18 24.76
CA VAL C 226 -6.35 20.40 24.23
C VAL C 226 -7.85 20.29 24.41
N LEU C 227 -8.50 21.42 24.46
CA LEU C 227 -9.93 21.48 24.55
C LEU C 227 -10.45 21.63 23.18
N GLN C 228 -11.53 20.96 22.86
CA GLN C 228 -12.08 21.03 21.53
C GLN C 228 -13.16 22.02 21.54
N HIS C 229 -13.31 22.76 20.46
CA HIS C 229 -14.34 23.75 20.40
C HIS C 229 -15.65 23.12 20.71
N ALA C 230 -16.54 23.96 21.18
CA ALA C 230 -17.85 23.57 21.62
C ALA C 230 -18.75 22.83 20.68
N GLY C 231 -18.82 23.21 19.42
CA GLY C 231 -19.70 22.52 18.52
C GLY C 231 -19.02 21.55 17.61
N THR C 232 -17.91 21.02 18.05
CA THR C 232 -17.11 20.11 17.24
C THR C 232 -17.86 18.82 16.94
N ASP C 233 -17.97 18.50 15.64
CA ASP C 233 -18.55 17.25 15.17
C ASP C 233 -17.54 16.12 15.39
N ILE C 234 -17.87 15.19 16.27
CA ILE C 234 -17.03 14.01 16.53
C ILE C 234 -17.76 12.77 16.08
N SER C 235 -18.66 12.90 15.11
CA SER C 235 -19.43 11.74 14.66
C SER C 235 -18.55 10.71 13.95
N PHE C 236 -17.48 11.17 13.29
CA PHE C 236 -16.60 10.24 12.61
C PHE C 236 -15.92 9.30 13.60
N PHE C 237 -15.60 9.79 14.79
CA PHE C 237 -14.91 8.96 15.77
C PHE C 237 -15.86 8.01 16.49
N VAL C 238 -17.10 8.47 16.73
CA VAL C 238 -18.15 7.55 17.18
C VAL C 238 -18.29 6.39 16.22
N ALA C 239 -18.34 6.69 14.91
CA ALA C 239 -18.46 5.64 13.90
C ALA C 239 -17.28 4.68 13.94
N LEU C 240 -16.09 5.16 14.28
CA LEU C 240 -14.95 4.26 14.39
C LEU C 240 -15.17 3.22 15.46
N GLU C 241 -15.83 3.59 16.56
CA GLU C 241 -16.03 2.68 17.68
C GLU C 241 -17.09 1.62 17.40
N ASN C 242 -17.86 1.81 16.36
CA ASN C 242 -18.86 0.88 16.02
C ASN C 242 -18.59 0.19 14.72
N ALA C 243 -17.41 0.24 14.19
CA ALA C 243 -17.23 -0.43 12.94
C ALA C 243 -16.66 -1.79 13.11
N LEU C 244 -16.95 -2.62 12.11
CA LEU C 244 -16.52 -4.01 12.07
C LEU C 244 -15.22 -4.43 11.37
N ALA C 245 -14.24 -3.58 11.27
CA ALA C 245 -13.01 -4.00 10.66
C ALA C 245 -12.98 -4.18 9.16
N GLN C 246 -11.95 -4.85 8.68
CA GLN C 246 -11.83 -5.12 7.28
C GLN C 246 -12.29 -6.56 7.03
N THR C 247 -12.23 -7.40 8.06
CA THR C 247 -12.66 -8.77 8.00
C THR C 247 -14.15 -8.98 8.26
N GLY C 248 -14.90 -7.92 8.48
CA GLY C 248 -16.31 -8.06 8.78
C GLY C 248 -16.62 -8.61 10.16
N LEU C 249 -15.65 -9.01 10.97
CA LEU C 249 -15.97 -9.53 12.31
C LEU C 249 -15.87 -8.49 13.43
N GLU C 250 -15.95 -8.87 14.70
CA GLU C 250 -15.89 -7.82 15.71
C GLU C 250 -14.55 -7.13 15.73
N ARG C 251 -14.49 -5.99 16.42
CA ARG C 251 -13.27 -5.22 16.57
C ARG C 251 -13.49 -4.45 17.86
N GLU C 252 -12.43 -4.24 18.65
CA GLU C 252 -12.57 -3.57 19.90
C GLU C 252 -11.85 -2.29 19.58
N PHE C 253 -12.35 -1.16 20.05
CA PHE C 253 -11.68 0.07 19.78
C PHE C 253 -12.43 1.23 20.33
N THR C 254 -11.70 2.10 21.00
CA THR C 254 -12.23 3.27 21.60
C THR C 254 -11.29 4.38 21.29
N CYS C 255 -11.82 5.53 20.98
CA CYS C 255 -11.05 6.67 20.67
C CYS C 255 -10.68 7.22 22.00
N GLU C 256 -9.74 8.13 22.10
CA GLU C 256 -9.38 8.66 23.37
C GLU C 256 -9.77 10.08 23.54
N PHE C 257 -10.65 10.35 24.49
CA PHE C 257 -11.10 11.66 24.78
C PHE C 257 -10.94 11.80 26.26
N TYR C 258 -11.15 12.98 26.81
CA TYR C 258 -10.98 13.16 28.21
C TYR C 258 -11.92 14.16 28.75
N GLY C 259 -12.31 14.04 29.99
CA GLY C 259 -13.24 14.97 30.60
C GLY C 259 -12.63 16.17 31.29
N ASP C 260 -11.33 16.11 31.58
CA ASP C 260 -10.62 17.15 32.30
C ASP C 260 -9.39 17.59 31.54
N PRO C 261 -8.89 18.81 31.79
CA PRO C 261 -7.75 19.33 31.03
C PRO C 261 -6.40 18.73 31.40
N GLU C 262 -6.34 17.81 32.36
CA GLU C 262 -5.12 17.06 32.61
C GLU C 262 -5.23 15.59 32.18
N GLY C 263 -6.37 15.18 31.63
CA GLY C 263 -6.52 13.83 31.13
C GLY C 263 -6.55 12.75 32.18
N ALA C 264 -7.06 13.06 33.38
CA ALA C 264 -7.20 12.04 34.42
C ALA C 264 -8.36 11.10 34.14
N THR C 265 -9.43 11.61 33.55
CA THR C 265 -10.64 10.84 33.32
C THR C 265 -10.81 10.60 31.82
N ARG C 266 -10.79 9.33 31.42
CA ARG C 266 -10.90 8.98 30.02
C ARG C 266 -12.35 8.79 29.60
N LEU C 267 -12.57 8.86 28.28
CA LEU C 267 -13.89 8.83 27.67
C LEU C 267 -13.78 8.29 26.24
N SER C 268 -14.71 7.42 25.86
CA SER C 268 -14.78 7.05 24.45
C SER C 268 -15.42 8.19 23.66
N ALA C 269 -15.34 8.10 22.33
CA ALA C 269 -16.06 9.07 21.51
C ALA C 269 -17.55 9.01 21.79
N THR C 270 -18.06 7.80 22.08
CA THR C 270 -19.46 7.62 22.43
C THR C 270 -19.77 8.24 23.79
N GLU C 271 -18.92 7.98 24.79
CA GLU C 271 -19.06 8.66 26.07
C GLU C 271 -18.99 10.17 25.89
N ALA C 272 -18.00 10.66 25.12
CA ALA C 272 -17.86 12.09 24.89
C ALA C 272 -19.09 12.64 24.19
N GLN C 273 -19.61 11.90 23.25
CA GLN C 273 -20.75 12.37 22.53
C GLN C 273 -21.93 12.47 23.42
N ALA C 274 -22.07 11.48 24.28
CA ALA C 274 -23.20 11.42 25.21
C ALA C 274 -23.12 12.53 26.24
N LEU C 275 -21.92 12.80 26.74
CA LEU C 275 -21.74 13.84 27.75
C LEU C 275 -22.24 15.18 27.22
N VAL C 276 -22.19 15.31 25.90
CA VAL C 276 -22.64 16.51 25.19
C VAL C 276 -24.04 16.52 24.64
N ASP C 277 -24.64 15.34 24.58
CA ASP C 277 -25.99 15.19 24.09
C ASP C 277 -26.86 15.69 25.22
N THR C 278 -26.35 15.51 26.43
CA THR C 278 -27.05 15.96 27.59
C THR C 278 -26.55 17.27 28.13
N ASP C 279 -25.83 18.05 27.36
CA ASP C 279 -25.38 19.32 27.85
C ASP C 279 -25.35 20.27 26.69
N SER C 280 -24.19 20.43 26.09
CA SER C 280 -23.94 21.25 24.93
C SER C 280 -22.67 21.94 25.17
N ALA C 281 -22.48 22.35 26.39
CA ALA C 281 -21.29 23.04 26.75
C ALA C 281 -20.42 22.15 27.57
N ALA C 282 -20.61 20.86 27.46
CA ALA C 282 -19.80 19.94 28.20
C ALA C 282 -18.42 20.12 27.72
N GLU C 283 -17.46 19.94 28.58
CA GLU C 283 -16.07 20.11 28.19
C GLU C 283 -15.43 18.83 27.75
N ILE C 284 -14.98 18.80 26.51
CA ILE C 284 -14.40 17.61 25.91
C ILE C 284 -12.96 17.91 25.55
N TYR C 285 -12.06 17.01 25.93
CA TYR C 285 -10.64 17.18 25.72
C TYR C 285 -10.06 16.00 24.96
N HIS C 286 -9.01 16.27 24.21
CA HIS C 286 -8.30 15.22 23.50
C HIS C 286 -6.83 15.60 23.37
N GLU C 287 -6.04 14.65 22.91
CA GLU C 287 -4.61 14.81 22.83
C GLU C 287 -4.19 15.23 21.43
N VAL C 288 -3.26 16.17 21.37
CA VAL C 288 -2.51 16.47 20.16
C VAL C 288 -1.05 16.12 20.46
N CYS C 289 -0.35 15.56 19.48
CA CYS C 289 1.02 15.10 19.77
C CYS C 289 1.87 15.09 18.51
N VAL C 290 3.16 15.35 18.71
CA VAL C 290 4.13 15.47 17.63
C VAL C 290 4.91 14.17 17.57
N ILE C 291 4.94 13.55 16.41
CA ILE C 291 5.66 12.34 16.26
C ILE C 291 6.72 12.48 15.22
N ARG C 292 7.88 11.96 15.50
CA ARG C 292 8.97 11.99 14.55
C ARG C 292 9.14 10.61 14.00
N GLY C 293 9.27 10.52 12.67
CA GLY C 293 9.48 9.24 12.01
C GLY C 293 10.90 9.17 11.51
N ARG C 294 11.68 8.24 12.05
CA ARG C 294 13.06 8.11 11.67
C ARG C 294 13.27 6.88 10.80
N PRO C 295 13.95 7.10 9.62
CA PRO C 295 14.18 5.92 8.81
C PRO C 295 15.13 4.99 9.46
N ALA C 296 15.36 3.84 8.87
CA ALA C 296 16.32 2.89 9.40
C ALA C 296 17.60 3.01 8.62
#